data_7A6R
#
_entry.id   7A6R
#
_cell.length_a   205.620
_cell.length_b   205.620
_cell.length_c   74.091
_cell.angle_alpha   90.000
_cell.angle_beta   90.000
_cell.angle_gamma   120.000
#
_symmetry.space_group_name_H-M   'H 3'
#
loop_
_entity.id
_entity.type
_entity.pdbx_description
1 polymer '14-3-3 protein gamma'
2 polymer 'DAPK2 C-terminal peptide'
3 water water
#
loop_
_entity_poly.entity_id
_entity_poly.type
_entity_poly.pdbx_seq_one_letter_code
_entity_poly.pdbx_strand_id
1 'polypeptide(L)'
;GHMVDREQLVQKARLAEQAERYDDMAAAMKNVTELNEPLSNEERNLLSVAYKNVVGARRSSWRVISSIEQKTSADGNEKK
IEMVRAYREKIEKELEAVCQDVLSLLDNYLIKNCSETQYESKVFYLKMKGDYYRYLAEVATGEKRATVVESSEKAYSEAH
EISKEHMQPTHPIRLGLALNYSVFYYEIQNAPEQACHLAKTAFDDAIAELDTLNEDSYKDSTLIMQLLRDNLTLWT
;
A,B,C,D
2 'polypeptide(L)' RRRSS(TPO)S E,F,G,L
#
# COMPACT_ATOMS: atom_id res chain seq x y z
N ARG A 6 15.66 -1.58 -19.94
CA ARG A 6 15.08 -2.21 -18.75
C ARG A 6 15.47 -1.44 -17.49
N GLU A 7 16.76 -1.10 -17.37
CA GLU A 7 17.22 -0.35 -16.22
C GLU A 7 16.63 1.05 -16.16
N GLN A 8 16.21 1.61 -17.30
CA GLN A 8 15.51 2.88 -17.27
C GLN A 8 14.20 2.77 -16.52
N LEU A 9 13.48 1.66 -16.70
CA LEU A 9 12.24 1.46 -15.96
C LEU A 9 12.50 1.34 -14.46
N VAL A 10 13.60 0.66 -14.09
CA VAL A 10 13.91 0.48 -12.67
C VAL A 10 14.31 1.81 -12.04
N GLN A 11 15.11 2.61 -12.73
CA GLN A 11 15.47 3.91 -12.18
C GLN A 11 14.27 4.86 -12.17
N LYS A 12 13.34 4.69 -13.11
CA LYS A 12 12.11 5.47 -13.05
C LYS A 12 11.27 5.07 -11.84
N ALA A 13 11.24 3.77 -11.52
CA ALA A 13 10.55 3.32 -10.32
C ALA A 13 11.19 3.89 -9.07
N ARG A 14 12.53 3.94 -9.04
CA ARG A 14 13.22 4.52 -7.90
C ARG A 14 12.94 6.02 -7.78
N LEU A 15 12.89 6.72 -8.92
CA LEU A 15 12.53 8.13 -8.92
C LEU A 15 11.12 8.33 -8.38
N ALA A 16 10.17 7.52 -8.87
CA ALA A 16 8.79 7.62 -8.38
C ALA A 16 8.71 7.38 -6.90
N GLU A 17 9.48 6.41 -6.39
CA GLU A 17 9.49 6.17 -4.95
C GLU A 17 10.05 7.38 -4.21
N GLN A 18 11.09 8.00 -4.75
CA GLN A 18 11.61 9.22 -4.11
C GLN A 18 10.61 10.36 -4.20
N ALA A 19 9.76 10.37 -5.22
CA ALA A 19 8.74 11.39 -5.39
C ALA A 19 7.43 11.03 -4.72
N GLU A 20 7.38 9.91 -4.00
CA GLU A 20 6.16 9.45 -3.33
C GLU A 20 4.99 9.34 -4.30
N ARG A 21 5.28 8.89 -5.51
CA ARG A 21 4.27 8.62 -6.53
C ARG A 21 4.28 7.12 -6.78
N TYR A 22 3.55 6.38 -5.94
CA TYR A 22 3.63 4.93 -5.96
C TYR A 22 2.80 4.32 -7.08
N ASP A 23 1.87 5.08 -7.67
CA ASP A 23 1.19 4.59 -8.87
C ASP A 23 2.18 4.42 -10.01
N ASP A 24 3.01 5.44 -10.24
CA ASP A 24 4.02 5.35 -11.30
C ASP A 24 5.06 4.27 -10.99
N MET A 25 5.44 4.13 -9.72
CA MET A 25 6.37 3.08 -9.33
C MET A 25 5.78 1.70 -9.62
N ALA A 26 4.52 1.51 -9.27
CA ALA A 26 3.86 0.23 -9.54
C ALA A 26 3.76 -0.02 -11.04
N ALA A 27 3.48 1.02 -11.83
CA ALA A 27 3.39 0.85 -13.28
C ALA A 27 4.74 0.47 -13.87
N ALA A 28 5.82 1.10 -13.39
CA ALA A 28 7.16 0.79 -13.90
C ALA A 28 7.55 -0.64 -13.55
N MET A 29 7.33 -1.04 -12.30
CA MET A 29 7.67 -2.41 -11.92
C MET A 29 6.75 -3.42 -12.61
N LYS A 30 5.52 -3.03 -12.93
CA LYS A 30 4.64 -3.90 -13.69
C LYS A 30 5.15 -4.10 -15.12
N ASN A 31 5.65 -3.04 -15.74
CA ASN A 31 6.28 -3.19 -17.05
C ASN A 31 7.51 -4.10 -16.97
N VAL A 32 8.36 -3.88 -15.96
CA VAL A 32 9.54 -4.72 -15.78
C VAL A 32 9.14 -6.19 -15.64
N THR A 33 8.06 -6.46 -14.89
CA THR A 33 7.57 -7.83 -14.77
C THR A 33 7.03 -8.34 -16.09
N GLU A 34 6.31 -7.50 -16.84
CA GLU A 34 5.78 -7.88 -18.14
C GLU A 34 6.87 -8.14 -19.17
N LEU A 35 8.10 -7.72 -18.89
CA LEU A 35 9.24 -8.08 -19.74
C LEU A 35 9.51 -9.58 -19.71
N ASN A 36 8.76 -10.32 -18.89
CA ASN A 36 8.76 -11.78 -18.81
C ASN A 36 10.08 -12.36 -18.31
N GLU A 37 10.98 -11.51 -17.78
CA GLU A 37 12.23 -12.02 -17.23
C GLU A 37 12.17 -12.05 -15.71
N PRO A 38 12.90 -12.98 -15.08
CA PRO A 38 12.91 -13.04 -13.61
C PRO A 38 13.38 -11.74 -13.01
N LEU A 39 12.88 -11.44 -11.80
CA LEU A 39 13.20 -10.21 -11.11
C LEU A 39 14.32 -10.45 -10.11
N SER A 40 15.29 -9.53 -10.09
CA SER A 40 16.33 -9.58 -9.07
C SER A 40 15.73 -9.24 -7.71
N ASN A 41 16.54 -9.40 -6.67
CA ASN A 41 16.07 -9.13 -5.31
C ASN A 41 15.65 -7.67 -5.17
N GLU A 42 16.44 -6.75 -5.72
CA GLU A 42 16.09 -5.33 -5.64
C GLU A 42 14.81 -5.04 -6.40
N GLU A 43 14.67 -5.58 -7.62
CA GLU A 43 13.46 -5.35 -8.40
C GLU A 43 12.24 -5.99 -7.75
N ARG A 44 12.42 -7.19 -7.17
CA ARG A 44 11.33 -7.84 -6.45
C ARG A 44 10.86 -6.98 -5.29
N ASN A 45 11.81 -6.44 -4.51
CA ASN A 45 11.45 -5.59 -3.39
C ASN A 45 10.81 -4.29 -3.85
N LEU A 46 11.28 -3.74 -4.98
CA LEU A 46 10.66 -2.53 -5.53
C LEU A 46 9.19 -2.78 -5.88
N LEU A 47 8.94 -3.89 -6.58
CA LEU A 47 7.56 -4.23 -6.95
C LEU A 47 6.69 -4.42 -5.73
N SER A 48 7.20 -5.18 -4.75
CA SER A 48 6.46 -5.42 -3.52
C SER A 48 6.12 -4.10 -2.82
N VAL A 49 7.12 -3.22 -2.68
CA VAL A 49 6.90 -1.96 -1.96
C VAL A 49 5.90 -1.08 -2.70
N ALA A 50 6.04 -0.97 -4.03
CA ALA A 50 5.16 -0.12 -4.81
C ALA A 50 3.70 -0.58 -4.67
N TYR A 51 3.43 -1.84 -4.96
CA TYR A 51 2.04 -2.29 -4.89
C TYR A 51 1.52 -2.31 -3.46
N LYS A 52 2.39 -2.56 -2.47
CA LYS A 52 1.97 -2.50 -1.09
C LYS A 52 1.52 -1.09 -0.72
N ASN A 53 2.30 -0.08 -1.13
CA ASN A 53 1.90 1.31 -0.84
C ASN A 53 0.60 1.67 -1.53
N VAL A 54 0.43 1.24 -2.79
CA VAL A 54 -0.80 1.56 -3.52
C VAL A 54 -2.01 0.94 -2.81
N VAL A 55 -1.98 -0.38 -2.63
CA VAL A 55 -3.10 -1.05 -1.99
C VAL A 55 -3.29 -0.58 -0.55
N GLY A 56 -2.23 -0.11 0.11
CA GLY A 56 -2.36 0.35 1.47
C GLY A 56 -3.04 1.69 1.56
N ALA A 57 -2.73 2.59 0.62
CA ALA A 57 -3.50 3.82 0.51
C ALA A 57 -4.97 3.52 0.27
N ARG A 58 -5.25 2.55 -0.61
CA ARG A 58 -6.64 2.18 -0.86
C ARG A 58 -7.30 1.60 0.39
N ARG A 59 -6.59 0.74 1.12
CA ARG A 59 -7.14 0.14 2.33
C ARG A 59 -7.39 1.19 3.41
N SER A 60 -6.48 2.15 3.56
CA SER A 60 -6.67 3.20 4.54
C SER A 60 -7.90 4.05 4.21
N SER A 61 -8.02 4.45 2.94
CA SER A 61 -9.20 5.20 2.54
C SER A 61 -10.48 4.40 2.77
N TRP A 62 -10.45 3.10 2.44
CA TRP A 62 -11.64 2.28 2.59
C TRP A 62 -12.03 2.14 4.06
N ARG A 63 -11.04 1.95 4.94
CA ARG A 63 -11.34 1.84 6.36
C ARG A 63 -11.92 3.14 6.91
N VAL A 64 -11.35 4.29 6.49
CA VAL A 64 -11.91 5.57 6.91
C VAL A 64 -13.37 5.69 6.48
N ILE A 65 -13.64 5.39 5.20
CA ILE A 65 -14.98 5.58 4.67
C ILE A 65 -15.96 4.61 5.32
N SER A 66 -15.53 3.38 5.60
CA SER A 66 -16.40 2.40 6.25
C SER A 66 -16.69 2.80 7.69
N SER A 67 -15.69 3.29 8.41
CA SER A 67 -15.92 3.78 9.76
C SER A 67 -16.91 4.93 9.76
N ILE A 68 -16.79 5.85 8.80
CA ILE A 68 -17.72 6.97 8.73
C ILE A 68 -19.12 6.49 8.35
N GLU A 69 -19.21 5.51 7.44
CA GLU A 69 -20.51 4.97 7.04
C GLU A 69 -21.21 4.31 8.21
N GLN A 70 -20.48 3.55 9.02
CA GLN A 70 -21.07 2.91 10.19
C GLN A 70 -21.38 3.92 11.28
N LYS A 71 -20.61 5.00 11.37
CA LYS A 71 -20.85 6.01 12.39
C LYS A 71 -21.98 6.98 12.05
N THR A 72 -22.52 6.91 10.83
CA THR A 72 -23.60 7.80 10.43
C THR A 72 -24.71 7.02 9.71
N ASN A 77 -30.72 10.64 7.50
CA ASN A 77 -30.54 11.24 6.18
C ASN A 77 -30.13 10.17 5.16
N GLU A 78 -31.05 9.88 4.23
CA GLU A 78 -30.81 8.85 3.23
C GLU A 78 -29.84 9.30 2.15
N LYS A 79 -29.87 10.57 1.77
CA LYS A 79 -29.00 11.04 0.69
C LYS A 79 -27.53 11.04 1.10
N LYS A 80 -27.23 11.52 2.30
CA LYS A 80 -25.85 11.49 2.77
C LYS A 80 -25.34 10.07 2.89
N ILE A 81 -26.15 9.16 3.44
CA ILE A 81 -25.74 7.78 3.58
C ILE A 81 -25.51 7.14 2.22
N GLU A 82 -26.37 7.45 1.25
CA GLU A 82 -26.19 6.91 -0.10
C GLU A 82 -24.90 7.43 -0.73
N MET A 83 -24.59 8.71 -0.52
CA MET A 83 -23.35 9.28 -1.04
C MET A 83 -22.14 8.60 -0.40
N VAL A 84 -22.18 8.40 0.91
CA VAL A 84 -21.07 7.72 1.60
C VAL A 84 -20.90 6.31 1.07
N ARG A 85 -22.01 5.59 0.87
CA ARG A 85 -21.93 4.23 0.37
C ARG A 85 -21.37 4.20 -1.05
N ALA A 86 -21.77 5.17 -1.89
CA ALA A 86 -21.26 5.20 -3.26
C ALA A 86 -19.77 5.49 -3.29
N TYR A 87 -19.30 6.39 -2.42
CA TYR A 87 -17.86 6.66 -2.35
C TYR A 87 -17.10 5.43 -1.86
N ARG A 88 -17.65 4.75 -0.86
CA ARG A 88 -17.02 3.51 -0.40
C ARG A 88 -16.98 2.47 -1.52
N GLU A 89 -18.01 2.42 -2.35
CA GLU A 89 -18.01 1.49 -3.47
C GLU A 89 -16.94 1.86 -4.50
N LYS A 90 -16.78 3.16 -4.76
CA LYS A 90 -15.71 3.61 -5.64
C LYS A 90 -14.34 3.16 -5.14
N ILE A 91 -14.09 3.35 -3.85
CA ILE A 91 -12.80 2.98 -3.28
C ILE A 91 -12.64 1.45 -3.27
N GLU A 92 -13.72 0.72 -3.01
CA GLU A 92 -13.69 -0.74 -3.10
C GLU A 92 -13.30 -1.19 -4.49
N LYS A 93 -13.89 -0.58 -5.53
CA LYS A 93 -13.55 -0.95 -6.89
C LYS A 93 -12.08 -0.68 -7.19
N GLU A 94 -11.57 0.48 -6.76
CA GLU A 94 -10.16 0.78 -6.96
C GLU A 94 -9.27 -0.27 -6.28
N LEU A 95 -9.59 -0.61 -5.03
CA LEU A 95 -8.77 -1.56 -4.28
C LEU A 95 -8.81 -2.95 -4.92
N GLU A 96 -10.00 -3.41 -5.32
CA GLU A 96 -10.11 -4.70 -5.98
C GLU A 96 -9.38 -4.71 -7.30
N ALA A 97 -9.38 -3.59 -8.02
CA ALA A 97 -8.63 -3.52 -9.28
C ALA A 97 -7.13 -3.65 -9.04
N VAL A 98 -6.62 -2.96 -8.02
CA VAL A 98 -5.19 -3.08 -7.69
C VAL A 98 -4.86 -4.53 -7.31
N CYS A 99 -5.71 -5.14 -6.48
CA CYS A 99 -5.46 -6.52 -6.07
C CYS A 99 -5.49 -7.47 -7.25
N GLN A 100 -6.45 -7.30 -8.16
CA GLN A 100 -6.53 -8.15 -9.33
C GLN A 100 -5.32 -7.97 -10.24
N ASP A 101 -4.83 -6.73 -10.33
CA ASP A 101 -3.62 -6.48 -11.12
C ASP A 101 -2.43 -7.22 -10.54
N VAL A 102 -2.26 -7.15 -9.22
CA VAL A 102 -1.15 -7.87 -8.57
C VAL A 102 -1.31 -9.37 -8.75
N LEU A 103 -2.52 -9.89 -8.59
CA LEU A 103 -2.73 -11.33 -8.70
C LEU A 103 -2.49 -11.82 -10.13
N SER A 104 -2.87 -11.02 -11.12
CA SER A 104 -2.60 -11.39 -12.50
C SER A 104 -1.10 -11.38 -12.78
N LEU A 105 -0.39 -10.34 -12.30
CA LEU A 105 1.07 -10.32 -12.43
C LEU A 105 1.69 -11.56 -11.80
N LEU A 106 1.19 -11.98 -10.64
CA LEU A 106 1.76 -13.12 -9.94
C LEU A 106 1.50 -14.42 -10.69
N ASP A 107 0.25 -14.64 -11.12
CA ASP A 107 -0.10 -15.90 -11.75
C ASP A 107 0.48 -16.02 -13.16
N ASN A 108 0.61 -14.91 -13.87
CA ASN A 108 1.04 -14.95 -15.27
C ASN A 108 2.57 -14.94 -15.42
N TYR A 109 3.27 -14.16 -14.62
CA TYR A 109 4.71 -13.96 -14.80
C TYR A 109 5.54 -14.44 -13.61
N LEU A 110 5.21 -13.98 -12.41
CA LEU A 110 6.15 -14.13 -11.28
C LEU A 110 6.20 -15.57 -10.78
N ILE A 111 5.05 -16.13 -10.39
CA ILE A 111 5.03 -17.50 -9.92
C ILE A 111 5.35 -18.46 -11.06
N LYS A 112 4.86 -18.16 -12.26
CA LYS A 112 5.06 -19.05 -13.40
C LYS A 112 6.53 -19.19 -13.78
N ASN A 113 7.33 -18.14 -13.58
CA ASN A 113 8.73 -18.16 -13.97
C ASN A 113 9.64 -18.69 -12.86
N CYS A 114 9.07 -19.22 -11.78
CA CYS A 114 9.85 -19.81 -10.71
C CYS A 114 10.19 -21.26 -11.04
N SER A 115 11.48 -21.59 -11.00
CA SER A 115 11.90 -22.96 -11.22
C SER A 115 11.47 -23.84 -10.04
N GLU A 116 11.54 -25.15 -10.25
CA GLU A 116 11.07 -26.08 -9.22
C GLU A 116 11.90 -26.00 -7.94
N THR A 117 13.07 -25.36 -7.98
CA THR A 117 13.95 -25.28 -6.83
C THR A 117 14.11 -23.86 -6.28
N GLN A 118 13.61 -22.83 -6.98
CA GLN A 118 13.71 -21.45 -6.50
C GLN A 118 12.67 -21.24 -5.39
N TYR A 119 12.97 -21.85 -4.23
CA TYR A 119 12.01 -21.86 -3.13
C TYR A 119 11.83 -20.48 -2.51
N GLU A 120 12.90 -19.67 -2.47
CA GLU A 120 12.79 -18.34 -1.86
C GLU A 120 11.81 -17.46 -2.63
N SER A 121 12.02 -17.33 -3.94
CA SER A 121 11.13 -16.49 -4.74
C SER A 121 9.73 -17.07 -4.83
N LYS A 122 9.61 -18.41 -4.84
CA LYS A 122 8.28 -19.02 -4.86
C LYS A 122 7.52 -18.72 -3.58
N VAL A 123 8.20 -18.81 -2.42
CA VAL A 123 7.56 -18.48 -1.16
C VAL A 123 7.20 -17.00 -1.12
N PHE A 124 8.09 -16.15 -1.63
CA PHE A 124 7.83 -14.71 -1.68
C PHE A 124 6.56 -14.41 -2.49
N TYR A 125 6.46 -15.00 -3.68
CA TYR A 125 5.33 -14.72 -4.55
C TYR A 125 4.04 -15.33 -4.03
N LEU A 126 4.12 -16.52 -3.42
CA LEU A 126 2.93 -17.12 -2.84
C LEU A 126 2.45 -16.33 -1.63
N LYS A 127 3.38 -15.78 -0.85
CA LYS A 127 2.99 -14.91 0.25
C LYS A 127 2.34 -13.64 -0.28
N MET A 128 2.86 -13.08 -1.37
CA MET A 128 2.22 -11.92 -1.98
C MET A 128 0.80 -12.25 -2.45
N LYS A 129 0.63 -13.43 -3.05
CA LYS A 129 -0.68 -13.86 -3.52
C LYS A 129 -1.66 -13.99 -2.36
N GLY A 130 -1.23 -14.65 -1.28
CA GLY A 130 -2.07 -14.76 -0.10
C GLY A 130 -2.40 -13.40 0.50
N ASP A 131 -1.43 -12.48 0.50
CA ASP A 131 -1.66 -11.14 1.02
C ASP A 131 -2.74 -10.42 0.22
N TYR A 132 -2.66 -10.48 -1.11
CA TYR A 132 -3.62 -9.71 -1.89
C TYR A 132 -4.99 -10.39 -1.94
N TYR A 133 -5.05 -11.73 -1.84
CA TYR A 133 -6.36 -12.36 -1.65
C TYR A 133 -6.94 -12.02 -0.29
N ARG A 134 -6.10 -11.86 0.74
CA ARG A 134 -6.59 -11.40 2.03
C ARG A 134 -7.08 -9.97 1.96
N TYR A 135 -6.41 -9.12 1.17
CA TYR A 135 -6.88 -7.75 0.98
C TYR A 135 -8.21 -7.72 0.23
N LEU A 136 -8.42 -8.66 -0.68
CA LEU A 136 -9.72 -8.79 -1.33
C LEU A 136 -10.79 -9.21 -0.31
N ALA A 137 -10.47 -10.23 0.50
CA ALA A 137 -11.42 -10.72 1.50
C ALA A 137 -11.73 -9.68 2.57
N GLU A 138 -10.82 -8.73 2.81
CA GLU A 138 -11.07 -7.68 3.79
C GLU A 138 -12.34 -6.90 3.45
N VAL A 139 -12.52 -6.53 2.19
CA VAL A 139 -13.66 -5.73 1.76
C VAL A 139 -14.80 -6.58 1.22
N ALA A 140 -14.61 -7.87 1.05
CA ALA A 140 -15.65 -8.73 0.52
C ALA A 140 -16.68 -9.03 1.60
N THR A 141 -17.95 -9.08 1.20
CA THR A 141 -19.05 -9.39 2.11
C THR A 141 -19.98 -10.38 1.44
N GLY A 142 -20.51 -11.30 2.25
CA GLY A 142 -21.46 -12.26 1.74
C GLY A 142 -20.81 -13.41 0.99
N GLU A 143 -21.58 -13.99 0.07
CA GLU A 143 -21.16 -15.19 -0.65
C GLU A 143 -19.79 -15.01 -1.31
N LYS A 144 -19.61 -13.90 -2.04
CA LYS A 144 -18.38 -13.66 -2.76
C LYS A 144 -17.15 -13.71 -1.86
N ARG A 145 -17.32 -13.54 -0.55
CA ARG A 145 -16.17 -13.57 0.34
C ARG A 145 -15.54 -14.96 0.39
N ALA A 146 -16.37 -16.01 0.41
CA ALA A 146 -15.89 -17.36 0.64
C ALA A 146 -14.67 -17.67 -0.23
N THR A 147 -14.83 -17.58 -1.55
CA THR A 147 -13.75 -17.95 -2.46
C THR A 147 -12.48 -17.16 -2.15
N VAL A 148 -12.60 -15.85 -1.97
CA VAL A 148 -11.37 -15.07 -1.82
C VAL A 148 -10.70 -15.33 -0.48
N VAL A 149 -11.43 -15.92 0.47
CA VAL A 149 -10.78 -16.41 1.67
C VAL A 149 -10.00 -17.69 1.36
N GLU A 150 -10.65 -18.63 0.66
CA GLU A 150 -10.04 -19.93 0.40
C GLU A 150 -8.72 -19.78 -0.35
N SER A 151 -8.73 -18.97 -1.42
CA SER A 151 -7.50 -18.69 -2.15
C SER A 151 -6.40 -18.19 -1.21
N SER A 152 -6.75 -17.22 -0.35
CA SER A 152 -5.76 -16.70 0.59
C SER A 152 -5.25 -17.80 1.51
N GLU A 153 -6.10 -18.77 1.85
CA GLU A 153 -5.66 -19.89 2.67
C GLU A 153 -4.74 -20.81 1.88
N LYS A 154 -4.98 -20.95 0.57
CA LYS A 154 -4.18 -21.84 -0.24
C LYS A 154 -2.77 -21.28 -0.46
N ALA A 155 -2.70 -20.06 -1.01
CA ALA A 155 -1.41 -19.45 -1.32
C ALA A 155 -0.52 -19.38 -0.09
N TYR A 156 -1.10 -19.10 1.08
CA TYR A 156 -0.33 -19.15 2.32
C TYR A 156 0.12 -20.58 2.62
N SER A 157 -0.82 -21.52 2.64
CA SER A 157 -0.54 -22.89 3.06
C SER A 157 0.64 -23.47 2.28
N GLU A 158 0.55 -23.44 0.95
CA GLU A 158 1.65 -23.88 0.12
C GLU A 158 2.94 -23.18 0.51
N ALA A 159 2.90 -21.84 0.53
CA ALA A 159 4.09 -21.06 0.91
C ALA A 159 4.62 -21.48 2.26
N HIS A 160 3.73 -21.90 3.17
CA HIS A 160 4.18 -22.42 4.45
C HIS A 160 5.03 -23.66 4.27
N GLU A 161 4.46 -24.69 3.63
CA GLU A 161 5.14 -25.99 3.52
C GLU A 161 6.51 -25.83 2.90
N ILE A 162 6.57 -25.15 1.75
CA ILE A 162 7.86 -24.89 1.10
C ILE A 162 8.82 -24.24 2.07
N SER A 163 8.39 -23.14 2.70
CA SER A 163 9.27 -22.45 3.64
C SER A 163 9.59 -23.33 4.84
N LYS A 164 8.68 -24.25 5.19
CA LYS A 164 8.95 -25.18 6.27
C LYS A 164 10.02 -26.20 5.91
N GLU A 165 10.21 -26.47 4.62
CA GLU A 165 11.08 -27.56 4.19
C GLU A 165 12.45 -27.09 3.71
N HIS A 166 12.55 -25.90 3.11
CA HIS A 166 13.78 -25.49 2.44
C HIS A 166 14.33 -24.15 2.94
N MET A 167 13.79 -23.60 4.02
CA MET A 167 14.24 -22.30 4.50
C MET A 167 14.44 -22.34 6.01
N GLN A 168 15.46 -21.64 6.48
CA GLN A 168 15.75 -21.58 7.90
C GLN A 168 14.69 -20.74 8.63
N PRO A 169 14.42 -21.06 9.90
CA PRO A 169 13.37 -20.33 10.62
C PRO A 169 13.68 -18.86 10.83
N THR A 170 14.95 -18.45 10.75
CA THR A 170 15.32 -17.05 10.88
C THR A 170 15.30 -16.30 9.56
N HIS A 171 14.93 -16.96 8.47
CA HIS A 171 14.85 -16.28 7.18
C HIS A 171 13.74 -15.24 7.21
N PRO A 172 14.01 -13.99 6.81
CA PRO A 172 12.98 -12.96 6.91
C PRO A 172 11.76 -13.23 6.06
N ILE A 173 11.91 -13.91 4.92
CA ILE A 173 10.76 -14.24 4.09
C ILE A 173 9.84 -15.21 4.83
N ARG A 174 10.42 -16.24 5.43
CA ARG A 174 9.62 -17.21 6.19
C ARG A 174 8.95 -16.56 7.40
N LEU A 175 9.66 -15.66 8.08
CA LEU A 175 9.10 -14.99 9.24
C LEU A 175 7.94 -14.07 8.85
N GLY A 176 8.12 -13.28 7.78
CA GLY A 176 7.02 -12.45 7.32
C GLY A 176 5.84 -13.25 6.82
N LEU A 177 6.11 -14.39 6.19
CA LEU A 177 5.03 -15.27 5.77
C LEU A 177 4.24 -15.77 6.98
N ALA A 178 4.95 -16.20 8.03
CA ALA A 178 4.27 -16.65 9.23
C ALA A 178 3.47 -15.52 9.87
N LEU A 179 4.02 -14.31 9.87
CA LEU A 179 3.31 -13.16 10.43
C LEU A 179 1.99 -12.91 9.70
N ASN A 180 2.06 -12.79 8.37
CA ASN A 180 0.85 -12.53 7.60
C ASN A 180 -0.12 -13.70 7.64
N TYR A 181 0.38 -14.93 7.75
CA TYR A 181 -0.48 -16.10 7.84
C TYR A 181 -1.24 -16.13 9.16
N SER A 182 -0.55 -15.81 10.26
CA SER A 182 -1.22 -15.72 11.54
C SER A 182 -2.23 -14.58 11.55
N VAL A 183 -1.89 -13.45 10.92
CA VAL A 183 -2.84 -12.35 10.82
C VAL A 183 -4.08 -12.79 10.04
N PHE A 184 -3.88 -13.55 8.97
CA PHE A 184 -5.01 -14.09 8.22
C PHE A 184 -5.88 -14.97 9.10
N TYR A 185 -5.26 -15.92 9.82
CA TYR A 185 -6.03 -16.81 10.67
C TYR A 185 -6.77 -16.06 11.77
N TYR A 186 -6.23 -14.93 12.22
CA TYR A 186 -6.88 -14.20 13.31
C TYR A 186 -8.01 -13.30 12.82
N GLU A 187 -7.75 -12.50 11.79
CA GLU A 187 -8.71 -11.47 11.39
C GLU A 187 -9.68 -11.93 10.31
N ILE A 188 -9.27 -12.85 9.44
CA ILE A 188 -10.14 -13.30 8.36
C ILE A 188 -11.00 -14.49 8.76
N GLN A 189 -10.40 -15.48 9.41
CA GLN A 189 -11.11 -16.69 9.79
C GLN A 189 -11.52 -16.72 11.26
N ASN A 190 -11.13 -15.70 12.04
CA ASN A 190 -11.49 -15.61 13.45
C ASN A 190 -11.12 -16.89 14.20
N ALA A 191 -9.92 -17.40 13.94
CA ALA A 191 -9.39 -18.59 14.60
C ALA A 191 -8.17 -18.19 15.42
N PRO A 192 -8.37 -17.55 16.57
CA PRO A 192 -7.22 -17.05 17.33
C PRO A 192 -6.31 -18.16 17.84
N GLU A 193 -6.84 -19.35 18.10
CA GLU A 193 -5.99 -20.43 18.58
C GLU A 193 -4.97 -20.84 17.52
N GLN A 194 -5.42 -21.07 16.29
CA GLN A 194 -4.51 -21.44 15.20
C GLN A 194 -3.54 -20.31 14.90
N ALA A 195 -4.00 -19.06 14.92
CA ALA A 195 -3.14 -17.92 14.65
C ALA A 195 -2.04 -17.80 15.70
N CYS A 196 -2.42 -17.87 16.98
CA CYS A 196 -1.44 -17.82 18.05
C CYS A 196 -0.46 -18.99 17.97
N HIS A 197 -0.97 -20.18 17.66
CA HIS A 197 -0.10 -21.35 17.54
C HIS A 197 0.94 -21.13 16.45
N LEU A 198 0.51 -20.68 15.27
CA LEU A 198 1.43 -20.47 14.16
C LEU A 198 2.46 -19.39 14.51
N ALA A 199 1.99 -18.26 15.04
CA ALA A 199 2.91 -17.16 15.36
C ALA A 199 3.92 -17.57 16.42
N LYS A 200 3.46 -18.24 17.48
CA LYS A 200 4.37 -18.66 18.54
C LYS A 200 5.35 -19.72 18.06
N THR A 201 4.88 -20.66 17.23
CA THR A 201 5.78 -21.66 16.68
C THR A 201 6.89 -21.02 15.85
N ALA A 202 6.51 -20.09 14.96
CA ALA A 202 7.52 -19.41 14.14
C ALA A 202 8.47 -18.60 15.01
N PHE A 203 7.94 -17.88 16.00
CA PHE A 203 8.79 -17.06 16.85
C PHE A 203 9.79 -17.90 17.63
N ASP A 204 9.33 -19.00 18.23
CA ASP A 204 10.22 -19.83 19.03
C ASP A 204 11.20 -20.61 18.15
N ASP A 205 10.79 -20.99 16.94
CA ASP A 205 11.73 -21.62 16.02
C ASP A 205 12.83 -20.65 15.61
N ALA A 206 12.47 -19.38 15.39
CA ALA A 206 13.49 -18.39 15.07
C ALA A 206 14.35 -18.06 16.29
N ILE A 207 13.79 -18.14 17.49
CA ILE A 207 14.55 -17.88 18.71
C ILE A 207 15.57 -18.99 18.94
N ALA A 208 15.17 -20.24 18.74
CA ALA A 208 16.06 -21.37 18.99
C ALA A 208 17.33 -21.28 18.14
N GLU A 209 17.23 -20.77 16.93
CA GLU A 209 18.37 -20.61 16.03
C GLU A 209 18.70 -19.14 15.79
N LEU A 210 18.55 -18.33 16.84
CA LEU A 210 18.82 -16.90 16.74
C LEU A 210 20.30 -16.60 16.57
N ASP A 211 21.17 -17.51 16.99
CA ASP A 211 22.62 -17.30 16.88
C ASP A 211 23.11 -17.37 15.44
N THR A 212 22.28 -17.84 14.50
CA THR A 212 22.71 -17.99 13.12
C THR A 212 22.69 -16.67 12.34
N LEU A 213 22.13 -15.60 12.91
CA LEU A 213 22.13 -14.30 12.26
C LEU A 213 23.39 -13.54 12.66
N ASN A 214 24.08 -12.97 11.68
CA ASN A 214 25.36 -12.30 11.91
C ASN A 214 25.43 -11.01 11.11
N GLU A 215 24.88 -9.93 11.67
CA GLU A 215 25.18 -8.56 11.25
C GLU A 215 24.74 -8.24 9.83
N ASP A 216 24.10 -9.19 9.16
CA ASP A 216 23.73 -9.01 7.75
C ASP A 216 22.24 -9.29 7.55
N SER A 217 21.68 -10.15 8.39
CA SER A 217 20.26 -10.48 8.33
C SER A 217 19.60 -10.44 9.71
N TYR A 218 20.28 -9.91 10.73
CA TYR A 218 19.72 -9.92 12.07
C TYR A 218 18.59 -8.90 12.24
N LYS A 219 18.70 -7.74 11.58
CA LYS A 219 17.68 -6.71 11.73
C LYS A 219 16.40 -7.10 11.01
N ASP A 220 16.53 -7.55 9.75
CA ASP A 220 15.37 -7.92 8.96
C ASP A 220 14.62 -9.11 9.57
N SER A 221 15.27 -9.87 10.45
CA SER A 221 14.58 -10.96 11.14
C SER A 221 14.05 -10.53 12.50
N THR A 222 14.82 -9.74 13.25
CA THR A 222 14.38 -9.30 14.57
C THR A 222 13.17 -8.37 14.48
N LEU A 223 13.08 -7.56 13.42
CA LEU A 223 11.91 -6.70 13.28
C LEU A 223 10.64 -7.52 13.09
N ILE A 224 10.70 -8.55 12.24
CA ILE A 224 9.54 -9.40 12.04
C ILE A 224 9.24 -10.23 13.28
N MET A 225 10.28 -10.63 14.02
CA MET A 225 10.04 -11.37 15.26
C MET A 225 9.36 -10.50 16.30
N GLN A 226 9.74 -9.23 16.37
CA GLN A 226 9.07 -8.32 17.30
C GLN A 226 7.64 -8.04 16.84
N LEU A 227 7.39 -7.98 15.54
CA LEU A 227 6.01 -7.88 15.06
C LEU A 227 5.20 -9.10 15.46
N LEU A 228 5.79 -10.28 15.36
CA LEU A 228 5.13 -11.51 15.81
C LEU A 228 4.80 -11.43 17.29
N ARG A 229 5.76 -11.01 18.11
CA ARG A 229 5.54 -10.89 19.54
C ARG A 229 4.45 -9.86 19.85
N ASP A 230 4.44 -8.75 19.11
CA ASP A 230 3.42 -7.72 19.33
C ASP A 230 2.04 -8.24 19.01
N ASN A 231 1.90 -8.95 17.87
CA ASN A 231 0.61 -9.53 17.54
C ASN A 231 0.19 -10.57 18.57
N LEU A 232 1.14 -11.37 19.06
CA LEU A 232 0.81 -12.38 20.06
C LEU A 232 0.34 -11.75 21.36
N THR A 233 1.01 -10.68 21.81
CA THR A 233 0.60 -10.02 23.04
C THR A 233 -0.70 -9.25 22.85
N LEU A 234 -0.99 -8.81 21.62
CA LEU A 234 -2.26 -8.16 21.35
C LEU A 234 -3.41 -9.15 21.33
N TRP A 235 -3.17 -10.38 20.87
CA TRP A 235 -4.23 -11.37 20.76
C TRP A 235 -4.57 -12.01 22.09
N THR A 236 -3.61 -12.11 23.00
CA THR A 236 -3.84 -12.77 24.29
C THR A 236 -4.07 -11.76 25.41
N VAL B 4 2.95 48.41 37.11
CA VAL B 4 2.61 47.03 36.79
C VAL B 4 1.11 46.84 36.74
N ASP B 5 0.53 47.08 35.56
CA ASP B 5 -0.89 46.85 35.33
C ASP B 5 -1.11 45.48 34.73
N ARG B 6 -2.33 44.97 34.88
CA ARG B 6 -2.67 43.66 34.33
C ARG B 6 -2.54 43.64 32.82
N GLU B 7 -3.22 44.59 32.15
CA GLU B 7 -3.08 44.70 30.71
C GLU B 7 -1.65 45.02 30.30
N GLN B 8 -0.92 45.76 31.14
CA GLN B 8 0.49 46.01 30.87
C GLN B 8 1.28 44.70 30.87
N LEU B 9 1.00 43.82 31.83
CA LEU B 9 1.68 42.54 31.87
C LEU B 9 1.29 41.66 30.68
N VAL B 10 0.02 41.72 30.26
CA VAL B 10 -0.40 40.95 29.10
C VAL B 10 0.30 41.45 27.84
N GLN B 11 0.41 42.76 27.68
CA GLN B 11 1.14 43.32 26.54
C GLN B 11 2.61 42.97 26.61
N LYS B 12 3.19 42.93 27.82
CA LYS B 12 4.58 42.53 27.95
C LYS B 12 4.77 41.07 27.54
N ALA B 13 3.80 40.21 27.88
CA ALA B 13 3.88 38.81 27.47
C ALA B 13 3.78 38.68 25.95
N ARG B 14 2.88 39.45 25.33
CA ARG B 14 2.80 39.43 23.87
C ARG B 14 4.09 39.92 23.23
N LEU B 15 4.66 41.01 23.79
CA LEU B 15 5.90 41.56 23.26
C LEU B 15 7.04 40.57 23.38
N ALA B 16 7.13 39.87 24.52
CA ALA B 16 8.16 38.85 24.69
C ALA B 16 7.95 37.68 23.75
N GLU B 17 6.68 37.32 23.48
CA GLU B 17 6.42 36.29 22.49
C GLU B 17 6.94 36.71 21.12
N GLN B 18 6.69 37.96 20.72
CA GLN B 18 7.24 38.44 19.46
C GLN B 18 8.76 38.51 19.50
N ALA B 19 9.33 38.78 20.67
CA ALA B 19 10.79 38.80 20.83
C ALA B 19 11.38 37.41 21.04
N GLU B 20 10.56 36.36 20.95
CA GLU B 20 11.02 34.98 21.09
C GLU B 20 11.76 34.76 22.41
N ARG B 21 11.27 35.38 23.47
CA ARG B 21 11.81 35.22 24.81
C ARG B 21 10.67 34.72 25.70
N TYR B 22 10.49 33.39 25.72
CA TYR B 22 9.34 32.79 26.38
C TYR B 22 9.51 32.67 27.88
N ASP B 23 10.73 32.85 28.42
CA ASP B 23 10.87 32.88 29.87
C ASP B 23 10.28 34.16 30.45
N ASP B 24 10.55 35.30 29.82
CA ASP B 24 9.92 36.55 30.26
C ASP B 24 8.41 36.50 30.05
N MET B 25 7.97 35.86 28.96
CA MET B 25 6.54 35.68 28.73
C MET B 25 5.91 34.86 29.84
N ALA B 26 6.57 33.77 30.24
CA ALA B 26 6.06 32.94 31.32
C ALA B 26 6.05 33.69 32.63
N ALA B 27 7.06 34.53 32.88
CA ALA B 27 7.07 35.31 34.11
C ALA B 27 5.94 36.32 34.15
N ALA B 28 5.69 37.00 33.03
CA ALA B 28 4.59 37.96 32.96
C ALA B 28 3.25 37.27 33.17
N MET B 29 3.03 36.13 32.51
CA MET B 29 1.76 35.44 32.69
C MET B 29 1.65 34.82 34.08
N LYS B 30 2.77 34.47 34.70
CA LYS B 30 2.73 34.02 36.09
C LYS B 30 2.31 35.15 37.02
N ASN B 31 2.79 36.37 36.76
CA ASN B 31 2.31 37.52 37.54
C ASN B 31 0.81 37.73 37.33
N VAL B 32 0.36 37.66 36.08
CA VAL B 32 -1.06 37.82 35.78
C VAL B 32 -1.88 36.78 36.53
N THR B 33 -1.38 35.54 36.59
CA THR B 33 -2.10 34.49 37.32
C THR B 33 -2.06 34.74 38.82
N GLU B 34 -0.91 35.21 39.34
CA GLU B 34 -0.78 35.50 40.75
C GLU B 34 -1.64 36.67 41.18
N LEU B 35 -2.15 37.46 40.24
CA LEU B 35 -3.17 38.45 40.57
C LEU B 35 -4.42 37.81 41.17
N ASN B 36 -4.53 36.47 41.13
CA ASN B 36 -5.57 35.72 41.84
C ASN B 36 -6.96 35.98 41.27
N GLU B 37 -7.06 36.20 39.97
CA GLU B 37 -8.33 36.34 39.27
C GLU B 37 -8.41 35.33 38.14
N PRO B 38 -9.61 34.85 37.81
CA PRO B 38 -9.75 33.89 36.71
C PRO B 38 -9.29 34.50 35.39
N LEU B 39 -8.34 33.82 34.75
CA LEU B 39 -7.80 34.30 33.50
C LEU B 39 -8.84 34.22 32.39
N SER B 40 -8.78 35.17 31.46
CA SER B 40 -9.59 35.13 30.27
C SER B 40 -9.02 34.10 29.29
N ASN B 41 -9.70 33.90 28.17
CA ASN B 41 -9.23 32.94 27.18
C ASN B 41 -7.91 33.39 26.55
N GLU B 42 -7.77 34.70 26.30
CA GLU B 42 -6.54 35.20 25.71
C GLU B 42 -5.37 35.08 26.68
N GLU B 43 -5.59 35.45 27.94
CA GLU B 43 -4.55 35.32 28.95
C GLU B 43 -4.19 33.86 29.19
N ARG B 44 -5.19 32.99 29.25
CA ARG B 44 -4.93 31.56 29.39
C ARG B 44 -4.10 31.03 28.23
N ASN B 45 -4.45 31.43 27.01
CA ASN B 45 -3.68 31.01 25.84
C ASN B 45 -2.25 31.51 25.90
N LEU B 46 -2.06 32.76 26.33
CA LEU B 46 -0.71 33.30 26.44
C LEU B 46 0.12 32.52 27.46
N LEU B 47 -0.46 32.25 28.62
CA LEU B 47 0.25 31.49 29.65
C LEU B 47 0.61 30.10 29.15
N SER B 48 -0.36 29.42 28.52
CA SER B 48 -0.12 28.09 27.99
C SER B 48 1.00 28.11 26.95
N VAL B 49 0.96 29.07 26.02
CA VAL B 49 1.98 29.16 24.98
C VAL B 49 3.36 29.39 25.58
N ALA B 50 3.45 30.33 26.53
CA ALA B 50 4.73 30.63 27.16
C ALA B 50 5.33 29.40 27.84
N TYR B 51 4.57 28.79 28.74
CA TYR B 51 5.13 27.67 29.49
C TYR B 51 5.35 26.44 28.61
N LYS B 52 4.51 26.25 27.59
CA LYS B 52 4.74 25.17 26.64
C LYS B 52 6.05 25.36 25.89
N ASN B 53 6.32 26.58 25.43
CA ASN B 53 7.58 26.84 24.74
C ASN B 53 8.78 26.60 25.66
N VAL B 54 8.68 27.08 26.91
CA VAL B 54 9.80 26.91 27.84
C VAL B 54 10.06 25.42 28.08
N VAL B 55 9.03 24.69 28.50
CA VAL B 55 9.21 23.28 28.82
C VAL B 55 9.57 22.50 27.57
N GLY B 56 9.17 22.97 26.39
CA GLY B 56 9.50 22.26 25.16
C GLY B 56 10.96 22.43 24.77
N ALA B 57 11.49 23.64 24.94
CA ALA B 57 12.93 23.83 24.75
C ALA B 57 13.72 22.95 25.70
N ARG B 58 13.30 22.90 26.98
CA ARG B 58 14.00 22.06 27.94
C ARG B 58 13.91 20.58 27.56
N ARG B 59 12.72 20.13 27.13
CA ARG B 59 12.54 18.74 26.74
C ARG B 59 13.38 18.39 25.52
N SER B 60 13.44 19.29 24.53
CA SER B 60 14.23 19.02 23.34
C SER B 60 15.71 18.88 23.68
N SER B 61 16.25 19.83 24.47
CA SER B 61 17.64 19.72 24.86
C SER B 61 17.89 18.45 25.68
N TRP B 62 16.94 18.09 26.55
CA TRP B 62 17.09 16.87 27.33
C TRP B 62 17.12 15.63 26.45
N ARG B 63 16.23 15.57 25.46
CA ARG B 63 16.21 14.42 24.56
C ARG B 63 17.51 14.33 23.77
N VAL B 64 18.03 15.47 23.31
CA VAL B 64 19.30 15.47 22.59
C VAL B 64 20.41 14.91 23.46
N ILE B 65 20.54 15.43 24.69
CA ILE B 65 21.63 14.98 25.55
C ILE B 65 21.44 13.53 25.97
N SER B 66 20.20 13.08 26.15
CA SER B 66 19.96 11.70 26.56
C SER B 66 20.27 10.73 25.43
N SER B 67 19.90 11.08 24.20
CA SER B 67 20.26 10.25 23.06
C SER B 67 21.78 10.23 22.86
N ILE B 68 22.44 11.36 23.15
CA ILE B 68 23.90 11.39 23.06
C ILE B 68 24.51 10.43 24.07
N GLU B 69 24.06 10.51 25.33
CA GLU B 69 24.64 9.64 26.36
C GLU B 69 24.29 8.18 26.14
N GLN B 70 23.16 7.90 25.46
CA GLN B 70 22.82 6.52 25.14
C GLN B 70 23.68 6.00 24.00
N LYS B 71 23.98 6.85 23.00
CA LYS B 71 24.84 6.46 21.91
C LYS B 71 26.32 6.51 22.27
N THR B 72 26.68 7.12 23.39
CA THR B 72 28.08 7.21 23.80
C THR B 72 28.34 6.37 25.05
N LYS B 80 34.36 9.37 30.83
CA LYS B 80 34.02 10.71 30.39
C LYS B 80 32.51 10.87 30.21
N ILE B 81 31.78 9.76 30.26
CA ILE B 81 30.33 9.81 30.12
C ILE B 81 29.66 10.40 31.36
N GLU B 82 30.37 10.44 32.49
CA GLU B 82 29.82 11.06 33.69
C GLU B 82 29.52 12.53 33.47
N MET B 83 30.29 13.20 32.61
CA MET B 83 30.02 14.61 32.31
C MET B 83 28.72 14.75 31.51
N VAL B 84 28.51 13.87 30.53
CA VAL B 84 27.25 13.90 29.78
C VAL B 84 26.08 13.62 30.72
N ARG B 85 26.25 12.68 31.63
CA ARG B 85 25.19 12.40 32.61
C ARG B 85 24.92 13.60 33.49
N ALA B 86 25.97 14.31 33.91
CA ALA B 86 25.78 15.48 34.77
C ALA B 86 25.06 16.59 34.02
N TYR B 87 25.40 16.81 32.75
CA TYR B 87 24.72 17.83 31.97
C TYR B 87 23.26 17.46 31.72
N ARG B 88 23.00 16.17 31.44
CA ARG B 88 21.62 15.71 31.29
C ARG B 88 20.84 15.90 32.58
N GLU B 89 21.48 15.69 33.73
CA GLU B 89 20.79 15.89 35.00
C GLU B 89 20.56 17.36 35.31
N LYS B 90 21.46 18.24 34.86
CA LYS B 90 21.22 19.67 34.99
C LYS B 90 19.99 20.09 34.19
N ILE B 91 19.90 19.60 32.95
CA ILE B 91 18.72 19.87 32.14
C ILE B 91 17.47 19.27 32.79
N GLU B 92 17.61 18.08 33.40
CA GLU B 92 16.51 17.48 34.14
C GLU B 92 16.04 18.38 35.27
N LYS B 93 16.99 18.95 36.02
CA LYS B 93 16.63 19.81 37.15
C LYS B 93 15.90 21.05 36.66
N GLU B 94 16.37 21.65 35.56
CA GLU B 94 15.66 22.79 34.98
C GLU B 94 14.24 22.42 34.56
N LEU B 95 14.09 21.26 33.92
CA LEU B 95 12.78 20.82 33.47
C LEU B 95 11.85 20.58 34.65
N GLU B 96 12.35 19.94 35.70
CA GLU B 96 11.54 19.69 36.89
C GLU B 96 11.16 20.99 37.57
N ALA B 97 12.06 21.98 37.58
CA ALA B 97 11.73 23.28 38.16
C ALA B 97 10.61 23.95 37.39
N VAL B 98 10.69 23.93 36.05
CA VAL B 98 9.63 24.53 35.23
C VAL B 98 8.31 23.82 35.49
N CYS B 99 8.33 22.49 35.51
CA CYS B 99 7.09 21.73 35.70
C CYS B 99 6.50 21.98 37.08
N GLN B 100 7.34 22.06 38.12
CA GLN B 100 6.85 22.35 39.45
C GLN B 100 6.24 23.74 39.53
N ASP B 101 6.87 24.72 38.86
CA ASP B 101 6.30 26.07 38.81
C ASP B 101 4.91 26.04 38.17
N VAL B 102 4.78 25.37 37.02
CA VAL B 102 3.49 25.33 36.34
C VAL B 102 2.44 24.62 37.19
N LEU B 103 2.83 23.50 37.82
CA LEU B 103 1.86 22.75 38.62
C LEU B 103 1.45 23.51 39.87
N SER B 104 2.37 24.26 40.48
CA SER B 104 1.98 25.10 41.62
C SER B 104 1.03 26.20 41.18
N LEU B 105 1.28 26.81 40.02
CA LEU B 105 0.32 27.78 39.49
C LEU B 105 -1.04 27.14 39.24
N LEU B 106 -1.04 25.91 38.75
CA LEU B 106 -2.30 25.22 38.45
C LEU B 106 -3.08 24.92 39.72
N ASP B 107 -2.40 24.39 40.74
CA ASP B 107 -3.11 23.98 41.96
C ASP B 107 -3.46 25.17 42.85
N ASN B 108 -2.71 26.26 42.79
CA ASN B 108 -2.93 27.37 43.71
C ASN B 108 -3.87 28.44 43.16
N TYR B 109 -3.79 28.74 41.87
CA TYR B 109 -4.59 29.82 41.30
C TYR B 109 -5.53 29.38 40.19
N LEU B 110 -5.03 28.61 39.22
CA LEU B 110 -5.81 28.37 38.00
C LEU B 110 -7.00 27.46 38.26
N ILE B 111 -6.77 26.31 38.90
CA ILE B 111 -7.87 25.38 39.15
C ILE B 111 -8.81 25.94 40.20
N LYS B 112 -8.26 26.58 41.24
CA LYS B 112 -9.10 27.08 42.33
C LYS B 112 -10.07 28.15 41.85
N ASN B 113 -9.58 29.09 41.03
CA ASN B 113 -10.41 30.20 40.58
C ASN B 113 -11.44 29.80 39.53
N CYS B 114 -11.53 28.53 39.16
CA CYS B 114 -12.54 28.10 38.21
C CYS B 114 -13.92 28.11 38.86
N SER B 115 -14.89 28.68 38.17
CA SER B 115 -16.26 28.72 38.67
C SER B 115 -16.93 27.36 38.48
N GLU B 116 -18.17 27.24 38.94
CA GLU B 116 -18.87 25.96 38.91
C GLU B 116 -19.16 25.52 37.48
N THR B 117 -19.70 26.42 36.66
CA THR B 117 -20.09 26.09 35.30
C THR B 117 -18.95 26.29 34.29
N GLN B 118 -17.80 26.81 34.72
CA GLN B 118 -16.65 26.99 33.83
C GLN B 118 -15.93 25.66 33.66
N TYR B 119 -16.65 24.72 33.02
CA TYR B 119 -16.11 23.37 32.84
C TYR B 119 -15.01 23.33 31.78
N GLU B 120 -15.07 24.22 30.80
CA GLU B 120 -14.03 24.27 29.78
C GLU B 120 -12.68 24.61 30.40
N SER B 121 -12.65 25.61 31.27
CA SER B 121 -11.42 25.97 31.96
C SER B 121 -10.95 24.85 32.88
N LYS B 122 -11.89 24.16 33.52
CA LYS B 122 -11.53 23.02 34.36
C LYS B 122 -10.83 21.93 33.54
N VAL B 123 -11.41 21.58 32.39
CA VAL B 123 -10.81 20.57 31.54
C VAL B 123 -9.44 21.03 31.04
N PHE B 124 -9.34 22.30 30.65
CA PHE B 124 -8.07 22.84 30.19
C PHE B 124 -6.99 22.72 31.26
N TYR B 125 -7.32 23.12 32.50
CA TYR B 125 -6.31 23.15 33.55
C TYR B 125 -5.96 21.76 34.05
N LEU B 126 -6.93 20.85 34.11
CA LEU B 126 -6.60 19.47 34.48
C LEU B 126 -5.79 18.79 33.39
N LYS B 127 -6.07 19.11 32.12
CA LYS B 127 -5.23 18.61 31.03
C LYS B 127 -3.81 19.13 31.15
N MET B 128 -3.66 20.41 31.49
CA MET B 128 -2.32 20.97 31.72
C MET B 128 -1.61 20.27 32.87
N LYS B 129 -2.34 20.00 33.95
CA LYS B 129 -1.76 19.29 35.09
C LYS B 129 -1.26 17.91 34.67
N GLY B 130 -2.09 17.17 33.93
CA GLY B 130 -1.67 15.88 33.42
C GLY B 130 -0.48 15.98 32.49
N ASP B 131 -0.47 17.01 31.63
CA ASP B 131 0.63 17.18 30.68
C ASP B 131 1.94 17.43 31.40
N TYR B 132 1.93 18.28 32.43
CA TYR B 132 3.19 18.59 33.10
C TYR B 132 3.64 17.47 34.02
N TYR B 133 2.71 16.73 34.63
CA TYR B 133 3.14 15.53 35.34
C TYR B 133 3.69 14.47 34.37
N ARG B 134 3.16 14.42 33.16
CA ARG B 134 3.73 13.53 32.13
C ARG B 134 5.12 13.98 31.74
N TYR B 135 5.33 15.29 31.57
CA TYR B 135 6.66 15.80 31.28
C TYR B 135 7.63 15.48 32.41
N LEU B 136 7.15 15.51 33.66
CA LEU B 136 7.96 15.05 34.77
C LEU B 136 8.28 13.57 34.65
N ALA B 137 7.30 12.78 34.19
CA ALA B 137 7.51 11.34 34.03
C ALA B 137 8.47 11.00 32.91
N GLU B 138 8.67 11.91 31.95
CA GLU B 138 9.53 11.61 30.81
C GLU B 138 10.99 11.46 31.21
N VAL B 139 11.40 12.00 32.36
CA VAL B 139 12.79 12.01 32.77
C VAL B 139 13.02 11.33 34.11
N ALA B 140 11.96 10.86 34.77
CA ALA B 140 12.08 10.27 36.09
C ALA B 140 12.18 8.75 36.00
N THR B 141 12.66 8.14 37.09
CA THR B 141 12.79 6.70 37.20
C THR B 141 12.37 6.26 38.60
N GLY B 142 11.87 5.04 38.70
CA GLY B 142 11.58 4.44 39.99
C GLY B 142 10.32 4.93 40.67
N GLU B 143 10.41 5.10 42.00
CA GLU B 143 9.23 5.47 42.77
C GLU B 143 8.76 6.88 42.45
N LYS B 144 9.69 7.81 42.22
CA LYS B 144 9.30 9.15 41.84
C LYS B 144 8.59 9.15 40.49
N ARG B 145 9.07 8.33 39.56
CA ARG B 145 8.39 8.19 38.28
C ARG B 145 6.99 7.62 38.47
N ALA B 146 6.85 6.61 39.33
CA ALA B 146 5.53 6.06 39.59
C ALA B 146 4.59 7.12 40.17
N THR B 147 5.11 7.95 41.06
CA THR B 147 4.32 9.02 41.67
C THR B 147 3.83 10.02 40.63
N VAL B 148 4.75 10.51 39.79
CA VAL B 148 4.33 11.50 38.79
C VAL B 148 3.42 10.86 37.76
N VAL B 149 3.60 9.56 37.47
CA VAL B 149 2.73 8.89 36.50
C VAL B 149 1.32 8.78 37.05
N GLU B 150 1.17 8.39 38.32
CA GLU B 150 -0.18 8.28 38.87
C GLU B 150 -0.83 9.66 39.04
N SER B 151 -0.03 10.70 39.34
CA SER B 151 -0.58 12.05 39.37
C SER B 151 -1.11 12.47 38.00
N SER B 152 -0.32 12.22 36.95
CA SER B 152 -0.76 12.51 35.59
C SER B 152 -2.04 11.74 35.25
N GLU B 153 -2.09 10.47 35.64
CA GLU B 153 -3.28 9.66 35.39
C GLU B 153 -4.50 10.26 36.07
N LYS B 154 -4.36 10.67 37.33
CA LYS B 154 -5.49 11.24 38.06
C LYS B 154 -5.96 12.53 37.41
N ALA B 155 -5.03 13.42 37.04
CA ALA B 155 -5.41 14.68 36.42
C ALA B 155 -6.12 14.44 35.09
N TYR B 156 -5.55 13.58 34.26
CA TYR B 156 -6.18 13.26 32.97
C TYR B 156 -7.55 12.64 33.17
N SER B 157 -7.71 11.81 34.20
CA SER B 157 -8.99 11.15 34.43
C SER B 157 -10.05 12.14 34.86
N GLU B 158 -9.70 13.06 35.76
CA GLU B 158 -10.65 14.10 36.16
C GLU B 158 -11.06 14.96 34.96
N ALA B 159 -10.08 15.38 34.16
CA ALA B 159 -10.39 16.16 32.97
C ALA B 159 -11.30 15.39 32.02
N HIS B 160 -11.02 14.09 31.83
CA HIS B 160 -11.82 13.27 30.93
C HIS B 160 -13.25 13.14 31.43
N GLU B 161 -13.41 12.92 32.74
CA GLU B 161 -14.76 12.82 33.30
C GLU B 161 -15.55 14.10 33.08
N ILE B 162 -14.93 15.25 33.37
CA ILE B 162 -15.62 16.52 33.21
C ILE B 162 -16.00 16.74 31.74
N SER B 163 -15.06 16.48 30.83
CA SER B 163 -15.30 16.73 29.41
C SER B 163 -16.35 15.79 28.85
N LYS B 164 -16.36 14.53 29.29
CA LYS B 164 -17.37 13.59 28.83
C LYS B 164 -18.75 13.94 29.38
N GLU B 165 -18.80 14.48 30.60
CA GLU B 165 -20.10 14.85 31.18
C GLU B 165 -20.68 16.08 30.49
N HIS B 166 -19.87 17.10 30.28
CA HIS B 166 -20.40 18.40 29.86
C HIS B 166 -20.14 18.73 28.39
N MET B 167 -18.88 18.68 27.95
CA MET B 167 -18.56 19.14 26.62
C MET B 167 -18.91 18.09 25.57
N GLN B 168 -19.11 18.56 24.33
CA GLN B 168 -19.43 17.70 23.20
C GLN B 168 -18.15 17.10 22.62
N PRO B 169 -18.24 15.92 21.99
CA PRO B 169 -17.02 15.26 21.48
C PRO B 169 -16.27 16.08 20.45
N THR B 170 -16.94 16.96 19.72
CA THR B 170 -16.30 17.78 18.70
C THR B 170 -15.62 19.02 19.27
N HIS B 171 -15.70 19.24 20.57
CA HIS B 171 -15.06 20.41 21.16
C HIS B 171 -13.53 20.27 21.05
N PRO B 172 -12.82 21.31 20.65
CA PRO B 172 -11.36 21.17 20.47
C PRO B 172 -10.62 20.86 21.76
N ILE B 173 -11.07 21.37 22.90
CA ILE B 173 -10.36 21.09 24.15
C ILE B 173 -10.53 19.63 24.56
N ARG B 174 -11.73 19.08 24.36
CA ARG B 174 -11.95 17.66 24.65
C ARG B 174 -11.12 16.78 23.72
N LEU B 175 -11.01 17.17 22.43
CA LEU B 175 -10.20 16.40 21.49
C LEU B 175 -8.72 16.46 21.87
N GLY B 176 -8.23 17.64 22.25
CA GLY B 176 -6.84 17.75 22.67
C GLY B 176 -6.56 16.99 23.94
N LEU B 177 -7.52 16.98 24.87
CA LEU B 177 -7.39 16.17 26.08
C LEU B 177 -7.29 14.70 25.73
N ALA B 178 -8.15 14.22 24.83
CA ALA B 178 -8.08 12.82 24.42
C ALA B 178 -6.77 12.51 23.73
N LEU B 179 -6.27 13.44 22.91
CA LEU B 179 -4.99 13.25 22.22
C LEU B 179 -3.86 13.08 23.23
N ASN B 180 -3.74 14.04 24.16
CA ASN B 180 -2.65 13.96 25.14
C ASN B 180 -2.82 12.78 26.09
N TYR B 181 -4.06 12.39 26.39
CA TYR B 181 -4.30 11.25 27.27
C TYR B 181 -3.88 9.95 26.59
N SER B 182 -4.22 9.78 25.31
CA SER B 182 -3.76 8.61 24.57
C SER B 182 -2.25 8.61 24.41
N VAL B 183 -1.64 9.78 24.22
CA VAL B 183 -0.18 9.85 24.15
C VAL B 183 0.43 9.45 25.48
N PHE B 184 -0.21 9.85 26.59
CA PHE B 184 0.24 9.40 27.90
C PHE B 184 0.16 7.89 28.02
N TYR B 185 -0.94 7.30 27.57
CA TYR B 185 -1.11 5.86 27.67
C TYR B 185 -0.08 5.11 26.82
N TYR B 186 0.28 5.68 25.66
CA TYR B 186 1.20 4.98 24.76
C TYR B 186 2.66 5.17 25.14
N GLU B 187 3.07 6.42 25.36
CA GLU B 187 4.49 6.70 25.56
C GLU B 187 4.92 6.51 27.00
N ILE B 188 4.06 6.82 27.96
CA ILE B 188 4.42 6.75 29.37
C ILE B 188 4.09 5.37 29.93
N GLN B 189 2.81 4.99 29.85
CA GLN B 189 2.36 3.71 30.38
C GLN B 189 2.75 2.53 29.50
N ASN B 190 3.18 2.77 28.26
CA ASN B 190 3.51 1.71 27.31
C ASN B 190 2.32 0.76 27.13
N ALA B 191 1.12 1.32 27.07
CA ALA B 191 -0.13 0.58 26.91
C ALA B 191 -0.78 1.00 25.62
N PRO B 192 -0.35 0.45 24.48
CA PRO B 192 -0.96 0.84 23.19
C PRO B 192 -2.42 0.45 23.08
N GLU B 193 -2.88 -0.54 23.85
CA GLU B 193 -4.28 -0.93 23.84
C GLU B 193 -5.18 0.23 24.23
N GLN B 194 -5.01 0.73 25.47
CA GLN B 194 -5.83 1.83 25.95
C GLN B 194 -5.59 3.11 25.14
N ALA B 195 -4.34 3.34 24.70
CA ALA B 195 -4.05 4.53 23.92
C ALA B 195 -4.84 4.54 22.63
N CYS B 196 -4.74 3.47 21.84
CA CYS B 196 -5.48 3.39 20.59
C CYS B 196 -6.98 3.40 20.84
N HIS B 197 -7.44 2.75 21.92
CA HIS B 197 -8.86 2.75 22.24
C HIS B 197 -9.37 4.17 22.45
N LEU B 198 -8.69 4.93 23.31
CA LEU B 198 -9.12 6.30 23.61
C LEU B 198 -9.03 7.20 22.39
N ALA B 199 -7.93 7.10 21.63
CA ALA B 199 -7.77 7.96 20.46
C ALA B 199 -8.85 7.67 19.42
N LYS B 200 -9.09 6.40 19.12
CA LYS B 200 -10.11 6.05 18.14
C LYS B 200 -11.50 6.38 18.64
N THR B 201 -11.77 6.23 19.94
CA THR B 201 -13.06 6.59 20.49
C THR B 201 -13.32 8.08 20.31
N ALA B 202 -12.32 8.91 20.63
CA ALA B 202 -12.47 10.35 20.43
C ALA B 202 -12.68 10.69 18.96
N PHE B 203 -11.87 10.09 18.08
CA PHE B 203 -11.98 10.38 16.66
C PHE B 203 -13.35 10.00 16.12
N ASP B 204 -13.86 8.82 16.50
CA ASP B 204 -15.15 8.37 15.97
C ASP B 204 -16.31 9.13 16.59
N ASP B 205 -16.18 9.58 17.84
CA ASP B 205 -17.24 10.38 18.44
C ASP B 205 -17.27 11.79 17.87
N ALA B 206 -16.13 12.28 17.39
CA ALA B 206 -16.09 13.62 16.81
C ALA B 206 -16.35 13.64 15.31
N ILE B 207 -16.11 12.53 14.61
CA ILE B 207 -16.23 12.55 13.15
C ILE B 207 -17.68 12.71 12.70
N ALA B 208 -18.64 12.25 13.51
CA ALA B 208 -20.04 12.28 13.10
C ALA B 208 -20.62 13.69 13.11
N GLU B 209 -19.99 14.63 13.81
CA GLU B 209 -20.50 15.99 13.94
C GLU B 209 -19.63 17.01 13.22
N LEU B 210 -18.86 16.58 12.20
CA LEU B 210 -17.99 17.51 11.50
C LEU B 210 -18.77 18.46 10.61
N ASP B 211 -19.95 18.03 10.12
CA ASP B 211 -20.72 18.85 9.18
C ASP B 211 -21.31 20.09 9.84
N THR B 212 -21.43 20.11 11.17
CA THR B 212 -22.04 21.24 11.87
C THR B 212 -21.15 22.48 11.82
N SER B 217 -13.82 27.43 13.41
CA SER B 217 -14.06 26.42 14.44
C SER B 217 -13.84 25.01 13.88
N TYR B 218 -14.27 24.80 12.64
CA TYR B 218 -14.06 23.52 11.97
C TYR B 218 -12.57 23.19 11.88
N LYS B 219 -11.74 24.19 11.58
CA LYS B 219 -10.30 23.96 11.46
C LYS B 219 -9.68 23.57 12.79
N ASP B 220 -10.10 24.24 13.87
CA ASP B 220 -9.54 23.96 15.19
C ASP B 220 -9.72 22.49 15.58
N SER B 221 -10.88 21.92 15.26
CA SER B 221 -11.13 20.52 15.62
C SER B 221 -10.51 19.58 14.60
N THR B 222 -10.55 19.92 13.31
CA THR B 222 -9.98 19.03 12.31
C THR B 222 -8.47 18.90 12.45
N LEU B 223 -7.80 19.94 12.97
CA LEU B 223 -6.36 19.81 13.20
C LEU B 223 -6.06 18.76 14.25
N ILE B 224 -6.78 18.81 15.38
CA ILE B 224 -6.56 17.81 16.43
C ILE B 224 -7.01 16.44 15.96
N MET B 225 -8.01 16.37 15.07
CA MET B 225 -8.40 15.07 14.52
C MET B 225 -7.32 14.52 13.61
N GLN B 226 -6.67 15.38 12.82
CA GLN B 226 -5.52 14.94 12.04
C GLN B 226 -4.40 14.43 12.94
N LEU B 227 -4.17 15.12 14.06
CA LEU B 227 -3.15 14.66 15.01
C LEU B 227 -3.50 13.28 15.56
N LEU B 228 -4.76 13.10 15.95
CA LEU B 228 -5.21 11.80 16.44
C LEU B 228 -5.03 10.72 15.39
N ARG B 229 -5.36 11.02 14.14
CA ARG B 229 -5.22 10.04 13.07
C ARG B 229 -3.77 9.67 12.83
N ASP B 230 -2.88 10.67 12.83
CA ASP B 230 -1.46 10.40 12.63
C ASP B 230 -0.89 9.58 13.77
N ASN B 231 -1.31 9.87 15.01
CA ASN B 231 -0.83 9.08 16.14
C ASN B 231 -1.36 7.66 16.09
N LEU B 232 -2.61 7.47 15.66
CA LEU B 232 -3.15 6.13 15.51
C LEU B 232 -2.38 5.35 14.45
N THR B 233 -2.05 6.00 13.34
CA THR B 233 -1.24 5.34 12.32
C THR B 233 0.15 4.99 12.84
N LEU B 234 0.73 5.89 13.63
CA LEU B 234 2.07 5.66 14.18
C LEU B 234 2.10 4.49 15.14
N TRP B 235 1.01 4.25 15.86
CA TRP B 235 1.00 3.21 16.90
C TRP B 235 0.69 1.82 16.36
N THR B 236 0.48 1.68 15.05
CA THR B 236 0.20 0.36 14.47
C THR B 236 1.19 0.04 13.35
N VAL C 4 -26.78 14.38 -6.39
CA VAL C 4 -25.68 15.10 -7.02
C VAL C 4 -25.84 16.60 -6.72
N ASP C 5 -26.50 16.90 -5.60
CA ASP C 5 -26.75 18.27 -5.20
C ASP C 5 -25.61 18.79 -4.32
N ARG C 6 -25.71 20.08 -3.97
CA ARG C 6 -24.59 20.80 -3.35
C ARG C 6 -24.24 20.22 -1.99
N GLU C 7 -25.26 19.88 -1.19
CA GLU C 7 -25.00 19.38 0.17
C GLU C 7 -24.18 18.11 0.14
N GLN C 8 -24.60 17.13 -0.68
CA GLN C 8 -23.87 15.87 -0.76
C GLN C 8 -22.50 16.06 -1.41
N LEU C 9 -22.35 17.06 -2.29
CA LEU C 9 -21.04 17.32 -2.88
C LEU C 9 -20.06 17.86 -1.83
N VAL C 10 -20.51 18.78 -0.99
CA VAL C 10 -19.65 19.28 0.09
C VAL C 10 -19.35 18.16 1.08
N GLN C 11 -20.35 17.32 1.36
CA GLN C 11 -20.12 16.17 2.23
C GLN C 11 -19.10 15.21 1.63
N LYS C 12 -19.15 15.01 0.31
CA LYS C 12 -18.17 14.14 -0.34
C LYS C 12 -16.78 14.75 -0.32
N ALA C 13 -16.68 16.08 -0.44
CA ALA C 13 -15.38 16.72 -0.27
C ALA C 13 -14.82 16.48 1.12
N ARG C 14 -15.66 16.62 2.15
CA ARG C 14 -15.20 16.36 3.50
C ARG C 14 -14.79 14.90 3.68
N LEU C 15 -15.56 13.97 3.09
CA LEU C 15 -15.20 12.56 3.11
C LEU C 15 -13.83 12.34 2.48
N ALA C 16 -13.62 12.87 1.28
CA ALA C 16 -12.34 12.70 0.59
C ALA C 16 -11.20 13.29 1.42
N GLU C 17 -11.45 14.41 2.10
CA GLU C 17 -10.43 14.96 2.98
C GLU C 17 -10.10 13.99 4.11
N GLN C 18 -11.13 13.38 4.71
CA GLN C 18 -10.88 12.41 5.78
C GLN C 18 -10.15 11.18 5.23
N ALA C 19 -10.48 10.76 4.02
CA ALA C 19 -9.83 9.62 3.39
C ALA C 19 -8.52 9.98 2.70
N GLU C 20 -8.05 11.23 2.88
CA GLU C 20 -6.78 11.71 2.32
C GLU C 20 -6.72 11.52 0.80
N ARG C 21 -7.86 11.63 0.13
CA ARG C 21 -7.94 11.52 -1.32
C ARG C 21 -8.29 12.91 -1.86
N TYR C 22 -7.25 13.72 -2.06
CA TYR C 22 -7.46 15.15 -2.33
C TYR C 22 -7.81 15.43 -3.79
N ASP C 23 -7.54 14.49 -4.70
CA ASP C 23 -8.01 14.66 -6.07
C ASP C 23 -9.53 14.63 -6.12
N ASP C 24 -10.15 13.66 -5.43
CA ASP C 24 -11.61 13.59 -5.37
C ASP C 24 -12.20 14.80 -4.64
N MET C 25 -11.52 15.26 -3.59
CA MET C 25 -11.97 16.46 -2.88
C MET C 25 -11.96 17.67 -3.81
N ALA C 26 -10.88 17.84 -4.56
CA ALA C 26 -10.80 18.94 -5.52
C ALA C 26 -11.87 18.80 -6.59
N ALA C 27 -12.17 17.58 -7.02
CA ALA C 27 -13.20 17.38 -8.03
C ALA C 27 -14.58 17.75 -7.49
N ALA C 28 -14.89 17.34 -6.26
CA ALA C 28 -16.18 17.69 -5.67
C ALA C 28 -16.32 19.20 -5.51
N MET C 29 -15.24 19.87 -5.08
CA MET C 29 -15.33 21.32 -4.91
C MET C 29 -15.34 22.04 -6.25
N LYS C 30 -14.72 21.46 -7.29
CA LYS C 30 -14.84 22.02 -8.61
C LYS C 30 -16.27 21.92 -9.12
N ASN C 31 -16.95 20.81 -8.83
CA ASN C 31 -18.37 20.70 -9.17
C ASN C 31 -19.20 21.72 -8.43
N VAL C 32 -18.95 21.88 -7.13
CA VAL C 32 -19.68 22.87 -6.34
C VAL C 32 -19.49 24.26 -6.91
N THR C 33 -18.27 24.59 -7.31
CA THR C 33 -18.01 25.88 -7.94
C THR C 33 -18.70 25.99 -9.29
N GLU C 34 -18.70 24.91 -10.07
CA GLU C 34 -19.37 24.88 -11.37
C GLU C 34 -20.88 24.98 -11.26
N LEU C 35 -21.44 24.82 -10.06
CA LEU C 35 -22.85 25.14 -9.87
C LEU C 35 -23.16 26.62 -10.09
N ASN C 36 -22.14 27.45 -10.32
CA ASN C 36 -22.23 28.89 -10.62
C ASN C 36 -22.74 29.71 -9.43
N GLU C 37 -23.01 29.08 -8.31
CA GLU C 37 -23.43 29.87 -7.17
C GLU C 37 -22.22 30.23 -6.30
N PRO C 38 -22.26 31.39 -5.63
CA PRO C 38 -21.13 31.79 -4.79
C PRO C 38 -20.90 30.79 -3.67
N LEU C 39 -19.63 30.67 -3.27
CA LEU C 39 -19.23 29.72 -2.24
C LEU C 39 -19.23 30.38 -0.88
N SER C 40 -19.75 29.67 0.12
CA SER C 40 -19.66 30.11 1.49
C SER C 40 -18.21 29.98 1.99
N ASN C 41 -17.96 30.49 3.19
CA ASN C 41 -16.62 30.42 3.75
C ASN C 41 -16.17 28.98 3.93
N GLU C 42 -17.07 28.10 4.37
CA GLU C 42 -16.73 26.69 4.52
C GLU C 42 -16.39 26.05 3.18
N GLU C 43 -17.24 26.27 2.18
CA GLU C 43 -16.98 25.73 0.84
C GLU C 43 -15.72 26.33 0.24
N ARG C 44 -15.51 27.62 0.45
CA ARG C 44 -14.30 28.28 -0.02
C ARG C 44 -13.06 27.64 0.58
N ASN C 45 -13.07 27.42 1.90
CA ASN C 45 -11.91 26.83 2.56
C ASN C 45 -11.71 25.38 2.13
N LEU C 46 -12.80 24.65 1.90
CA LEU C 46 -12.69 23.28 1.42
C LEU C 46 -12.03 23.22 0.04
N LEU C 47 -12.49 24.07 -0.88
CA LEU C 47 -11.89 24.13 -2.20
C LEU C 47 -10.41 24.52 -2.11
N SER C 48 -10.10 25.52 -1.29
CA SER C 48 -8.72 25.98 -1.14
C SER C 48 -7.83 24.86 -0.62
N VAL C 49 -8.27 24.17 0.44
CA VAL C 49 -7.48 23.09 1.02
C VAL C 49 -7.27 21.96 0.02
N ALA C 50 -8.34 21.57 -0.68
CA ALA C 50 -8.24 20.50 -1.66
C ALA C 50 -7.20 20.83 -2.73
N TYR C 51 -7.37 21.97 -3.41
CA TYR C 51 -6.45 22.27 -4.51
C TYR C 51 -5.05 22.59 -4.01
N LYS C 52 -4.91 23.13 -2.81
CA LYS C 52 -3.58 23.36 -2.26
C LYS C 52 -2.87 22.04 -1.98
N ASN C 53 -3.59 21.06 -1.43
CA ASN C 53 -2.97 19.76 -1.20
C ASN C 53 -2.57 19.08 -2.51
N VAL C 54 -3.43 19.17 -3.52
CA VAL C 54 -3.10 18.57 -4.82
C VAL C 54 -1.85 19.22 -5.40
N VAL C 55 -1.87 20.56 -5.51
CA VAL C 55 -0.73 21.26 -6.11
C VAL C 55 0.51 21.08 -5.26
N GLY C 56 0.37 20.89 -3.95
CA GLY C 56 1.52 20.72 -3.08
C GLY C 56 2.15 19.35 -3.24
N ALA C 57 1.32 18.32 -3.41
CA ALA C 57 1.87 17.00 -3.72
C ALA C 57 2.63 17.04 -5.03
N ARG C 58 2.04 17.66 -6.07
CA ARG C 58 2.73 17.76 -7.35
C ARG C 58 4.02 18.58 -7.22
N ARG C 59 3.99 19.66 -6.43
CA ARG C 59 5.17 20.49 -6.23
C ARG C 59 6.27 19.73 -5.50
N SER C 60 5.91 18.93 -4.49
CA SER C 60 6.92 18.17 -3.77
C SER C 60 7.58 17.14 -4.68
N SER C 61 6.77 16.43 -5.47
CA SER C 61 7.35 15.47 -6.41
C SER C 61 8.25 16.18 -7.42
N TRP C 62 7.80 17.33 -7.94
CA TRP C 62 8.61 18.08 -8.91
C TRP C 62 9.92 18.55 -8.28
N ARG C 63 9.86 19.02 -7.04
CA ARG C 63 11.08 19.46 -6.35
C ARG C 63 12.06 18.30 -6.21
N VAL C 64 11.58 17.14 -5.78
CA VAL C 64 12.48 15.99 -5.60
C VAL C 64 13.13 15.63 -6.93
N ILE C 65 12.32 15.51 -7.98
CA ILE C 65 12.87 15.06 -9.26
C ILE C 65 13.79 16.10 -9.87
N SER C 66 13.50 17.39 -9.67
CA SER C 66 14.38 18.44 -10.21
C SER C 66 15.69 18.49 -9.45
N SER C 67 15.65 18.27 -8.13
CA SER C 67 16.89 18.21 -7.36
C SER C 67 17.75 17.04 -7.80
N ILE C 68 17.11 15.89 -8.11
CA ILE C 68 17.87 14.76 -8.64
C ILE C 68 18.42 15.08 -10.02
N GLU C 69 17.64 15.79 -10.84
CA GLU C 69 18.08 16.12 -12.19
C GLU C 69 19.28 17.05 -12.19
N GLN C 70 19.32 17.99 -11.24
CA GLN C 70 20.43 18.94 -11.20
C GLN C 70 21.76 18.26 -10.90
N LYS C 71 21.74 17.10 -10.24
CA LYS C 71 22.97 16.36 -9.99
C LYS C 71 23.27 15.36 -11.09
N THR C 72 22.23 14.71 -11.63
CA THR C 72 22.44 13.83 -12.78
C THR C 72 22.97 14.59 -13.99
N SER C 73 22.65 15.89 -14.08
CA SER C 73 23.20 16.71 -15.15
C SER C 73 24.69 16.97 -14.93
N ALA C 74 25.08 17.24 -13.69
CA ALA C 74 26.50 17.47 -13.40
C ALA C 74 27.31 16.19 -13.56
N ASP C 75 26.68 15.01 -13.37
CA ASP C 75 27.41 13.76 -13.54
C ASP C 75 27.64 13.41 -15.00
N GLY C 76 26.71 13.75 -15.88
CA GLY C 76 26.90 13.58 -17.31
C GLY C 76 26.40 12.27 -17.90
N ASN C 77 25.60 11.51 -17.17
CA ASN C 77 25.01 10.30 -17.71
C ASN C 77 23.87 10.66 -18.66
N GLU C 78 23.93 10.17 -19.90
CA GLU C 78 22.98 10.57 -20.92
C GLU C 78 21.61 9.95 -20.68
N LYS C 79 21.54 8.62 -20.61
CA LYS C 79 20.25 7.95 -20.44
C LYS C 79 19.62 8.30 -19.11
N LYS C 80 20.42 8.39 -18.05
CA LYS C 80 19.89 8.73 -16.74
C LYS C 80 19.27 10.12 -16.74
N ILE C 81 20.00 11.11 -17.26
CA ILE C 81 19.47 12.47 -17.29
C ILE C 81 18.24 12.54 -18.20
N GLU C 82 18.22 11.74 -19.27
CA GLU C 82 17.07 11.73 -20.16
C GLU C 82 15.82 11.23 -19.45
N MET C 83 15.94 10.10 -18.74
CA MET C 83 14.79 9.57 -18.02
C MET C 83 14.35 10.50 -16.89
N VAL C 84 15.30 11.06 -16.14
CA VAL C 84 14.95 11.96 -15.05
C VAL C 84 14.24 13.19 -15.59
N ARG C 85 14.72 13.73 -16.71
CA ARG C 85 14.09 14.90 -17.32
C ARG C 85 12.69 14.56 -17.82
N ALA C 86 12.51 13.37 -18.39
CA ALA C 86 11.17 12.98 -18.85
C ALA C 86 10.19 12.87 -17.69
N TYR C 87 10.62 12.26 -16.59
CA TYR C 87 9.75 12.13 -15.43
C TYR C 87 9.43 13.49 -14.82
N ARG C 88 10.43 14.37 -14.74
CA ARG C 88 10.20 15.72 -14.25
C ARG C 88 9.22 16.47 -15.14
N GLU C 89 9.30 16.28 -16.46
CA GLU C 89 8.37 16.93 -17.36
C GLU C 89 6.96 16.39 -17.18
N LYS C 90 6.83 15.08 -16.93
CA LYS C 90 5.53 14.49 -16.66
C LYS C 90 4.89 15.13 -15.42
N ILE C 91 5.64 15.16 -14.32
CA ILE C 91 5.12 15.77 -13.10
C ILE C 91 4.83 17.25 -13.31
N GLU C 92 5.66 17.92 -14.11
CA GLU C 92 5.48 19.35 -14.37
C GLU C 92 4.20 19.60 -15.17
N LYS C 93 3.91 18.75 -16.15
CA LYS C 93 2.66 18.88 -16.90
C LYS C 93 1.46 18.64 -16.00
N GLU C 94 1.55 17.66 -15.09
CA GLU C 94 0.47 17.46 -14.12
C GLU C 94 0.26 18.72 -13.28
N LEU C 95 1.36 19.29 -12.78
CA LEU C 95 1.27 20.50 -11.95
C LEU C 95 0.65 21.65 -12.72
N GLU C 96 1.09 21.85 -13.96
CA GLU C 96 0.56 22.93 -14.79
C GLU C 96 -0.93 22.72 -15.07
N ALA C 97 -1.34 21.47 -15.32
CA ALA C 97 -2.76 21.21 -15.55
C ALA C 97 -3.59 21.55 -14.32
N VAL C 98 -3.12 21.15 -13.13
CA VAL C 98 -3.84 21.49 -11.90
C VAL C 98 -3.95 23.00 -11.74
N CYS C 99 -2.84 23.70 -11.97
CA CYS C 99 -2.83 25.16 -11.81
C CYS C 99 -3.79 25.82 -12.79
N GLN C 100 -3.81 25.36 -14.04
CA GLN C 100 -4.72 25.97 -15.03
C GLN C 100 -6.16 25.66 -14.70
N ASP C 101 -6.45 24.48 -14.17
CA ASP C 101 -7.80 24.18 -13.70
C ASP C 101 -8.23 25.16 -12.63
N VAL C 102 -7.35 25.40 -11.65
CA VAL C 102 -7.67 26.36 -10.59
C VAL C 102 -7.90 27.75 -11.16
N LEU C 103 -7.03 28.17 -12.09
CA LEU C 103 -7.14 29.51 -12.65
C LEU C 103 -8.43 29.68 -13.46
N SER C 104 -8.85 28.62 -14.15
CA SER C 104 -10.11 28.68 -14.87
C SER C 104 -11.29 28.79 -13.91
N LEU C 105 -11.28 27.97 -12.84
CA LEU C 105 -12.32 28.08 -11.83
C LEU C 105 -12.36 29.48 -11.22
N LEU C 106 -11.20 30.13 -11.07
CA LEU C 106 -11.17 31.46 -10.48
C LEU C 106 -11.70 32.51 -11.44
N ASP C 107 -11.22 32.50 -12.69
CA ASP C 107 -11.58 33.57 -13.62
C ASP C 107 -13.02 33.44 -14.10
N ASN C 108 -13.50 32.22 -14.32
CA ASN C 108 -14.83 32.04 -14.90
C ASN C 108 -15.94 32.02 -13.85
N TYR C 109 -15.67 31.54 -12.64
CA TYR C 109 -16.70 31.36 -11.64
C TYR C 109 -16.50 32.20 -10.39
N LEU C 110 -15.32 32.12 -9.76
CA LEU C 110 -15.16 32.63 -8.41
C LEU C 110 -15.04 34.16 -8.38
N ILE C 111 -14.07 34.71 -9.11
CA ILE C 111 -13.87 36.16 -9.09
C ILE C 111 -15.04 36.87 -9.76
N LYS C 112 -15.63 36.25 -10.79
CA LYS C 112 -16.67 36.93 -11.55
C LYS C 112 -17.93 37.13 -10.72
N ASN C 113 -18.29 36.16 -9.88
CA ASN C 113 -19.51 36.21 -9.08
C ASN C 113 -19.33 36.95 -7.76
N CYS C 114 -18.30 37.79 -7.65
CA CYS C 114 -18.08 38.58 -6.45
C CYS C 114 -18.84 39.89 -6.54
N SER C 115 -19.63 40.20 -5.50
CA SER C 115 -20.33 41.47 -5.44
C SER C 115 -19.33 42.60 -5.23
N GLU C 116 -19.80 43.83 -5.49
CA GLU C 116 -18.92 44.99 -5.38
C GLU C 116 -18.46 45.21 -3.94
N THR C 117 -19.28 44.85 -2.97
CA THR C 117 -18.94 45.01 -1.56
C THR C 117 -18.31 43.76 -0.96
N GLN C 118 -18.09 42.71 -1.76
CA GLN C 118 -17.49 41.48 -1.26
C GLN C 118 -15.97 41.54 -1.40
N TYR C 119 -15.38 42.46 -0.64
CA TYR C 119 -13.94 42.67 -0.72
C TYR C 119 -13.17 41.49 -0.15
N GLU C 120 -13.72 40.82 0.87
CA GLU C 120 -13.04 39.67 1.47
C GLU C 120 -12.87 38.54 0.45
N SER C 121 -13.95 38.20 -0.25
CA SER C 121 -13.87 37.16 -1.27
C SER C 121 -12.98 37.59 -2.44
N LYS C 122 -13.01 38.87 -2.78
CA LYS C 122 -12.11 39.38 -3.82
C LYS C 122 -10.66 39.17 -3.44
N VAL C 123 -10.28 39.54 -2.21
CA VAL C 123 -8.90 39.38 -1.76
C VAL C 123 -8.53 37.90 -1.74
N PHE C 124 -9.43 37.05 -1.23
CA PHE C 124 -9.17 35.62 -1.18
C PHE C 124 -8.89 35.05 -2.57
N TYR C 125 -9.77 35.35 -3.53
CA TYR C 125 -9.66 34.75 -4.85
C TYR C 125 -8.49 35.33 -5.63
N LEU C 126 -8.21 36.62 -5.47
CA LEU C 126 -7.05 37.20 -6.14
C LEU C 126 -5.74 36.67 -5.54
N LYS C 127 -5.72 36.43 -4.22
CA LYS C 127 -4.56 35.78 -3.63
C LYS C 127 -4.37 34.38 -4.17
N MET C 128 -5.47 33.64 -4.33
CA MET C 128 -5.37 32.31 -4.95
C MET C 128 -4.83 32.39 -6.36
N LYS C 129 -5.31 33.36 -7.15
CA LYS C 129 -4.84 33.52 -8.51
C LYS C 129 -3.34 33.81 -8.54
N GLY C 130 -2.90 34.75 -7.68
CA GLY C 130 -1.48 35.03 -7.59
C GLY C 130 -0.66 33.84 -7.17
N ASP C 131 -1.18 33.06 -6.20
CA ASP C 131 -0.45 31.89 -5.71
C ASP C 131 -0.28 30.85 -6.80
N TYR C 132 -1.35 30.57 -7.55
CA TYR C 132 -1.24 29.53 -8.56
C TYR C 132 -0.47 30.00 -9.79
N TYR C 133 -0.52 31.30 -10.11
CA TYR C 133 0.38 31.80 -11.15
C TYR C 133 1.83 31.75 -10.70
N ARG C 134 2.10 31.99 -9.41
CA ARG C 134 3.45 31.84 -8.89
C ARG C 134 3.90 30.38 -8.96
N TYR C 135 2.98 29.45 -8.67
CA TYR C 135 3.29 28.03 -8.81
C TYR C 135 3.62 27.69 -10.26
N LEU C 136 2.89 28.28 -11.20
CA LEU C 136 3.23 28.12 -12.61
C LEU C 136 4.59 28.73 -12.92
N ALA C 137 4.97 29.79 -12.21
CA ALA C 137 6.26 30.43 -12.44
C ALA C 137 7.41 29.61 -11.88
N GLU C 138 7.17 28.81 -10.83
CA GLU C 138 8.23 28.01 -10.23
C GLU C 138 8.81 27.00 -11.22
N VAL C 139 8.05 26.62 -12.25
CA VAL C 139 8.49 25.60 -13.20
C VAL C 139 8.64 26.13 -14.61
N ALA C 140 8.30 27.39 -14.87
CA ALA C 140 8.36 27.93 -16.22
C ALA C 140 9.72 28.57 -16.49
N THR C 141 10.17 28.45 -17.73
CA THR C 141 11.39 29.08 -18.20
C THR C 141 11.12 29.81 -19.51
N GLY C 142 11.83 30.91 -19.72
CA GLY C 142 11.69 31.69 -20.94
C GLY C 142 10.67 32.81 -20.83
N GLU C 143 10.00 33.11 -21.95
CA GLU C 143 9.05 34.21 -21.96
C GLU C 143 7.75 33.87 -21.24
N LYS C 144 7.36 32.59 -21.25
CA LYS C 144 6.19 32.18 -20.50
C LYS C 144 6.40 32.39 -19.00
N ARG C 145 7.64 32.27 -18.54
CA ARG C 145 7.93 32.57 -17.14
C ARG C 145 7.64 34.04 -16.83
N ALA C 146 8.10 34.95 -17.69
CA ALA C 146 7.82 36.36 -17.49
C ALA C 146 6.32 36.64 -17.56
N THR C 147 5.61 35.92 -18.44
CA THR C 147 4.17 36.12 -18.57
C THR C 147 3.43 35.71 -17.29
N VAL C 148 3.74 34.53 -16.75
CA VAL C 148 3.08 34.09 -15.53
C VAL C 148 3.53 34.93 -14.34
N VAL C 149 4.77 35.44 -14.37
CA VAL C 149 5.23 36.36 -13.33
C VAL C 149 4.40 37.63 -13.35
N GLU C 150 4.14 38.18 -14.54
CA GLU C 150 3.34 39.39 -14.64
C GLU C 150 1.90 39.13 -14.18
N SER C 151 1.35 37.96 -14.53
CA SER C 151 0.00 37.63 -14.09
C SER C 151 -0.07 37.54 -12.56
N SER C 152 0.87 36.82 -11.94
CA SER C 152 0.90 36.72 -10.49
C SER C 152 1.11 38.07 -9.84
N GLU C 153 1.94 38.92 -10.45
CA GLU C 153 2.18 40.26 -9.91
C GLU C 153 0.90 41.08 -9.94
N LYS C 154 0.17 41.06 -11.05
CA LYS C 154 -1.06 41.84 -11.14
C LYS C 154 -2.09 41.33 -10.13
N ALA C 155 -2.23 40.01 -10.02
CA ALA C 155 -3.19 39.45 -9.05
C ALA C 155 -2.82 39.86 -7.63
N TYR C 156 -1.55 39.67 -7.25
CA TYR C 156 -1.10 40.03 -5.91
C TYR C 156 -1.31 41.51 -5.63
N SER C 157 -1.01 42.38 -6.61
CA SER C 157 -1.12 43.82 -6.38
C SER C 157 -2.57 44.23 -6.21
N GLU C 158 -3.47 43.71 -7.06
CA GLU C 158 -4.89 44.04 -6.91
C GLU C 158 -5.41 43.55 -5.56
N ALA C 159 -5.06 42.32 -5.17
CA ALA C 159 -5.50 41.80 -3.89
C ALA C 159 -4.96 42.64 -2.74
N HIS C 160 -3.70 43.04 -2.81
CA HIS C 160 -3.10 43.82 -1.73
C HIS C 160 -3.73 45.20 -1.63
N GLU C 161 -4.08 45.81 -2.76
CA GLU C 161 -4.75 47.10 -2.71
C GLU C 161 -6.12 46.98 -2.06
N ILE C 162 -6.92 46.02 -2.52
CA ILE C 162 -8.24 45.82 -1.92
C ILE C 162 -8.11 45.50 -0.43
N SER C 163 -7.06 44.76 -0.06
CA SER C 163 -6.88 44.35 1.33
C SER C 163 -6.47 45.52 2.21
N LYS C 164 -5.58 46.38 1.72
CA LYS C 164 -5.22 47.58 2.47
C LYS C 164 -6.41 48.53 2.60
N GLU C 165 -7.31 48.54 1.61
CA GLU C 165 -8.43 49.47 1.68
C GLU C 165 -9.55 48.97 2.58
N HIS C 166 -9.83 47.66 2.58
CA HIS C 166 -11.06 47.18 3.21
C HIS C 166 -10.85 46.06 4.22
N MET C 167 -9.62 45.67 4.51
CA MET C 167 -9.38 44.57 5.45
C MET C 167 -8.44 45.01 6.57
N GLN C 168 -8.63 44.38 7.73
CA GLN C 168 -7.83 44.66 8.91
C GLN C 168 -6.43 44.07 8.75
N PRO C 169 -5.42 44.77 9.27
CA PRO C 169 -4.04 44.26 9.15
C PRO C 169 -3.82 42.92 9.84
N THR C 170 -4.65 42.56 10.83
CA THR C 170 -4.50 41.31 11.55
C THR C 170 -5.35 40.19 10.97
N HIS C 171 -6.10 40.44 9.90
CA HIS C 171 -6.91 39.39 9.31
C HIS C 171 -6.02 38.34 8.66
N PRO C 172 -6.24 37.05 8.93
CA PRO C 172 -5.34 36.03 8.37
C PRO C 172 -5.27 36.03 6.85
N ILE C 173 -6.34 36.43 6.16
CA ILE C 173 -6.28 36.49 4.71
C ILE C 173 -5.29 37.55 4.26
N ARG C 174 -5.35 38.74 4.87
CA ARG C 174 -4.41 39.80 4.51
C ARG C 174 -2.98 39.42 4.87
N LEU C 175 -2.79 38.81 6.05
CA LEU C 175 -1.45 38.40 6.45
C LEU C 175 -0.87 37.36 5.51
N GLY C 176 -1.69 36.37 5.12
CA GLY C 176 -1.21 35.36 4.19
C GLY C 176 -0.95 35.93 2.81
N LEU C 177 -1.77 36.87 2.37
CA LEU C 177 -1.55 37.54 1.10
C LEU C 177 -0.22 38.29 1.11
N ALA C 178 0.05 39.03 2.20
CA ALA C 178 1.32 39.75 2.29
C ALA C 178 2.50 38.80 2.36
N LEU C 179 2.36 37.69 3.10
CA LEU C 179 3.42 36.70 3.18
C LEU C 179 3.75 36.13 1.80
N ASN C 180 2.71 35.71 1.06
CA ASN C 180 2.94 35.13 -0.25
C ASN C 180 3.43 36.18 -1.25
N TYR C 181 3.00 37.42 -1.12
CA TYR C 181 3.49 38.49 -1.98
C TYR C 181 4.98 38.75 -1.74
N SER C 182 5.40 38.76 -0.48
CA SER C 182 6.81 38.92 -0.18
C SER C 182 7.62 37.73 -0.67
N VAL C 183 7.08 36.51 -0.53
CA VAL C 183 7.76 35.34 -1.06
C VAL C 183 7.87 35.42 -2.57
N PHE C 184 6.85 35.96 -3.24
CA PHE C 184 6.93 36.17 -4.68
C PHE C 184 8.02 37.17 -5.03
N TYR C 185 8.11 38.24 -4.25
CA TYR C 185 9.16 39.24 -4.50
C TYR C 185 10.55 38.65 -4.32
N TYR C 186 10.72 37.79 -3.31
CA TYR C 186 12.06 37.29 -2.99
C TYR C 186 12.46 36.12 -3.87
N GLU C 187 11.62 35.10 -3.96
CA GLU C 187 11.95 33.85 -4.65
C GLU C 187 11.71 33.90 -6.14
N ILE C 188 10.71 34.64 -6.60
CA ILE C 188 10.36 34.67 -8.01
C ILE C 188 11.03 35.83 -8.75
N GLN C 189 11.07 37.01 -8.13
CA GLN C 189 11.64 38.20 -8.75
C GLN C 189 13.09 38.45 -8.33
N ASN C 190 13.59 37.74 -7.32
CA ASN C 190 14.92 37.98 -6.77
C ASN C 190 15.09 39.44 -6.38
N ALA C 191 14.08 39.97 -5.68
CA ALA C 191 14.05 41.36 -5.24
C ALA C 191 13.96 41.37 -3.72
N PRO C 192 15.08 41.16 -3.02
CA PRO C 192 15.01 41.09 -1.55
C PRO C 192 14.59 42.39 -0.90
N GLU C 193 14.89 43.53 -1.51
CA GLU C 193 14.58 44.82 -0.89
C GLU C 193 13.07 44.97 -0.68
N GLN C 194 12.29 44.88 -1.75
CA GLN C 194 10.84 45.06 -1.62
C GLN C 194 10.19 43.89 -0.91
N ALA C 195 10.76 42.68 -1.02
CA ALA C 195 10.23 41.55 -0.26
C ALA C 195 10.33 41.82 1.24
N CYS C 196 11.52 42.19 1.72
CA CYS C 196 11.71 42.52 3.13
C CYS C 196 10.84 43.71 3.53
N HIS C 197 10.73 44.71 2.65
CA HIS C 197 9.93 45.89 2.96
C HIS C 197 8.47 45.52 3.17
N LEU C 198 7.90 44.74 2.25
CA LEU C 198 6.50 44.34 2.36
C LEU C 198 6.27 43.45 3.57
N ALA C 199 7.17 42.50 3.82
CA ALA C 199 6.99 41.62 4.97
C ALA C 199 7.04 42.41 6.28
N LYS C 200 8.00 43.33 6.40
CA LYS C 200 8.11 44.12 7.62
C LYS C 200 6.93 45.06 7.78
N THR C 201 6.44 45.63 6.67
CA THR C 201 5.26 46.48 6.74
C THR C 201 4.04 45.71 7.23
N ALA C 202 3.85 44.50 6.69
CA ALA C 202 2.72 43.67 7.14
C ALA C 202 2.86 43.31 8.61
N PHE C 203 4.06 42.89 9.02
CA PHE C 203 4.26 42.52 10.41
C PHE C 203 4.01 43.70 11.35
N ASP C 204 4.45 44.90 10.97
CA ASP C 204 4.26 46.05 11.84
C ASP C 204 2.81 46.50 11.87
N ASP C 205 2.12 46.45 10.72
CA ASP C 205 0.70 46.78 10.71
C ASP C 205 -0.11 45.80 11.55
N ALA C 206 0.32 44.52 11.59
CA ALA C 206 -0.37 43.56 12.44
C ALA C 206 -0.04 43.77 13.92
N ILE C 207 1.22 44.14 14.21
CA ILE C 207 1.60 44.44 15.59
C ILE C 207 0.80 45.62 16.12
N ALA C 208 0.53 46.60 15.26
CA ALA C 208 -0.18 47.81 15.70
C ALA C 208 -1.57 47.52 16.24
N GLU C 209 -2.14 46.35 15.95
CA GLU C 209 -3.49 46.02 16.39
C GLU C 209 -3.59 44.63 17.01
N LEU C 210 -2.45 43.95 17.22
CA LEU C 210 -2.49 42.61 17.83
C LEU C 210 -3.17 42.60 19.18
N ASP C 211 -3.13 43.72 19.92
CA ASP C 211 -3.71 43.75 21.26
C ASP C 211 -5.23 43.67 21.26
N THR C 212 -5.88 43.98 20.13
CA THR C 212 -7.33 44.07 20.07
C THR C 212 -7.99 42.80 19.54
N LEU C 213 -7.27 41.68 19.54
CA LEU C 213 -7.75 40.46 18.92
C LEU C 213 -8.33 39.49 19.95
N ASN C 214 -9.31 38.71 19.51
CA ASN C 214 -9.81 37.60 20.30
C ASN C 214 -8.77 36.47 20.31
N GLU C 215 -9.01 35.48 21.17
CA GLU C 215 -8.06 34.38 21.33
C GLU C 215 -7.85 33.64 20.00
N ASP C 216 -8.94 33.23 19.35
CA ASP C 216 -8.82 32.53 18.08
C ASP C 216 -8.19 33.41 17.02
N SER C 217 -8.63 34.67 16.94
CA SER C 217 -8.02 35.62 16.01
C SER C 217 -6.54 35.83 16.33
N TYR C 218 -6.21 35.92 17.63
CA TYR C 218 -4.81 36.10 18.03
C TYR C 218 -3.96 34.93 17.54
N LYS C 219 -4.43 33.70 17.74
CA LYS C 219 -3.66 32.54 17.32
C LYS C 219 -3.52 32.50 15.79
N ASP C 220 -4.63 32.70 15.08
CA ASP C 220 -4.60 32.65 13.62
C ASP C 220 -3.66 33.71 13.04
N SER C 221 -3.64 34.90 13.64
CA SER C 221 -2.78 35.96 13.13
C SER C 221 -1.32 35.74 13.53
N THR C 222 -1.07 35.29 14.77
CA THR C 222 0.30 35.12 15.23
C THR C 222 0.99 33.98 14.50
N LEU C 223 0.24 32.97 14.03
CA LEU C 223 0.88 31.94 13.23
C LEU C 223 1.48 32.51 11.94
N ILE C 224 0.69 33.32 11.22
CA ILE C 224 1.20 33.91 9.98
C ILE C 224 2.25 34.96 10.28
N MET C 225 2.19 35.63 11.44
CA MET C 225 3.24 36.57 11.79
C MET C 225 4.54 35.86 12.12
N GLN C 226 4.45 34.68 12.75
CA GLN C 226 5.63 33.83 12.93
C GLN C 226 6.23 33.46 11.58
N LEU C 227 5.38 33.07 10.63
CA LEU C 227 5.86 32.78 9.28
C LEU C 227 6.55 33.98 8.67
N LEU C 228 5.97 35.18 8.83
CA LEU C 228 6.55 36.39 8.28
C LEU C 228 7.93 36.67 8.85
N ARG C 229 8.06 36.61 10.19
CA ARG C 229 9.36 36.94 10.78
C ARG C 229 10.38 35.84 10.55
N ASP C 230 9.95 34.59 10.38
CA ASP C 230 10.87 33.54 9.98
C ASP C 230 11.40 33.79 8.57
N ASN C 231 10.52 34.15 7.64
CA ASN C 231 10.98 34.50 6.30
C ASN C 231 11.88 35.72 6.31
N LEU C 232 11.62 36.67 7.22
CA LEU C 232 12.48 37.85 7.32
C LEU C 232 13.87 37.48 7.81
N THR C 233 13.96 36.70 8.89
CA THR C 233 15.26 36.24 9.38
C THR C 233 15.98 35.40 8.33
N LEU C 234 15.24 34.61 7.55
CA LEU C 234 15.87 33.81 6.51
C LEU C 234 16.49 34.68 5.41
N TRP C 235 15.90 35.84 5.14
CA TRP C 235 16.36 36.72 4.07
C TRP C 235 17.47 37.66 4.55
N THR C 236 18.51 37.10 5.15
CA THR C 236 19.66 37.88 5.60
C THR C 236 20.90 37.01 5.72
N ASP D 5 24.19 -25.13 -27.86
CA ASP D 5 23.42 -24.41 -28.86
C ASP D 5 22.09 -25.11 -29.12
N ARG D 6 21.01 -24.33 -29.23
CA ARG D 6 19.67 -24.89 -29.34
C ARG D 6 19.37 -25.36 -30.76
N GLU D 7 19.75 -24.57 -31.77
CA GLU D 7 19.41 -24.91 -33.15
C GLU D 7 20.02 -26.25 -33.55
N GLN D 8 21.30 -26.47 -33.24
CA GLN D 8 21.90 -27.75 -33.56
C GLN D 8 21.47 -28.85 -32.61
N LEU D 9 20.93 -28.53 -31.43
CA LEU D 9 20.26 -29.56 -30.63
C LEU D 9 19.02 -30.08 -31.33
N VAL D 10 18.21 -29.17 -31.88
CA VAL D 10 17.06 -29.59 -32.67
C VAL D 10 17.52 -30.35 -33.92
N GLN D 11 18.63 -29.92 -34.51
CA GLN D 11 19.19 -30.64 -35.64
C GLN D 11 19.61 -32.05 -35.26
N LYS D 12 20.17 -32.22 -34.05
CA LYS D 12 20.54 -33.55 -33.57
C LYS D 12 19.31 -34.40 -33.34
N ALA D 13 18.22 -33.79 -32.84
CA ALA D 13 16.97 -34.53 -32.70
C ALA D 13 16.47 -35.01 -34.06
N ARG D 14 16.53 -34.13 -35.07
CA ARG D 14 16.11 -34.53 -36.42
C ARG D 14 16.99 -35.64 -36.97
N LEU D 15 18.30 -35.57 -36.70
CA LEU D 15 19.21 -36.62 -37.15
C LEU D 15 18.88 -37.95 -36.49
N ALA D 16 18.69 -37.93 -35.16
CA ALA D 16 18.35 -39.14 -34.44
C ALA D 16 17.04 -39.73 -34.95
N GLU D 17 16.08 -38.88 -35.32
CA GLU D 17 14.87 -39.38 -35.95
C GLU D 17 15.19 -40.03 -37.29
N GLN D 18 16.05 -39.42 -38.09
CA GLN D 18 16.44 -40.02 -39.36
C GLN D 18 17.21 -41.32 -39.15
N ALA D 19 17.99 -41.40 -38.07
CA ALA D 19 18.75 -42.61 -37.76
C ALA D 19 17.94 -43.60 -36.92
N GLU D 20 16.65 -43.33 -36.70
CA GLU D 20 15.77 -44.19 -35.91
C GLU D 20 16.35 -44.47 -34.52
N ARG D 21 17.09 -43.51 -33.98
CA ARG D 21 17.59 -43.59 -32.61
C ARG D 21 16.72 -42.67 -31.75
N TYR D 22 15.57 -43.21 -31.32
CA TYR D 22 14.55 -42.38 -30.69
C TYR D 22 14.92 -42.00 -29.26
N ASP D 23 15.78 -42.78 -28.60
CA ASP D 23 16.27 -42.36 -27.30
C ASP D 23 17.13 -41.10 -27.42
N ASP D 24 17.96 -41.04 -28.46
CA ASP D 24 18.79 -39.86 -28.67
C ASP D 24 17.94 -38.62 -28.97
N MET D 25 16.92 -38.78 -29.82
CA MET D 25 16.04 -37.64 -30.13
C MET D 25 15.24 -37.22 -28.90
N ALA D 26 14.82 -38.20 -28.09
CA ALA D 26 14.12 -37.87 -26.85
C ALA D 26 15.02 -37.10 -25.91
N ALA D 27 16.30 -37.49 -25.80
CA ALA D 27 17.23 -36.77 -24.95
C ALA D 27 17.51 -35.36 -25.47
N ALA D 28 17.63 -35.22 -26.79
CA ALA D 28 17.87 -33.91 -27.38
C ALA D 28 16.70 -32.97 -27.13
N MET D 29 15.48 -33.46 -27.36
CA MET D 29 14.31 -32.63 -27.10
C MET D 29 14.12 -32.39 -25.61
N LYS D 30 14.55 -33.31 -24.76
CA LYS D 30 14.54 -33.07 -23.32
C LYS D 30 15.47 -31.91 -22.97
N ASN D 31 16.65 -31.87 -23.58
CA ASN D 31 17.55 -30.74 -23.35
C ASN D 31 16.96 -29.43 -23.85
N VAL D 32 16.38 -29.46 -25.06
CA VAL D 32 15.79 -28.24 -25.62
C VAL D 32 14.64 -27.76 -24.75
N THR D 33 13.87 -28.68 -24.17
CA THR D 33 12.81 -28.30 -23.26
C THR D 33 13.37 -27.72 -21.96
N GLU D 34 14.41 -28.35 -21.42
CA GLU D 34 15.04 -27.87 -20.19
C GLU D 34 15.73 -26.53 -20.39
N LEU D 35 15.98 -26.12 -21.63
CA LEU D 35 16.39 -24.75 -21.89
C LEU D 35 15.34 -23.73 -21.47
N ASN D 36 14.10 -24.17 -21.22
CA ASN D 36 13.02 -23.33 -20.72
C ASN D 36 12.69 -22.20 -21.69
N GLU D 37 12.65 -22.53 -22.98
CA GLU D 37 12.16 -21.63 -24.01
C GLU D 37 10.97 -22.26 -24.71
N PRO D 38 9.97 -21.46 -25.09
CA PRO D 38 8.77 -22.05 -25.71
C PRO D 38 9.10 -22.79 -27.00
N LEU D 39 8.60 -24.02 -27.10
CA LEU D 39 8.87 -24.85 -28.26
C LEU D 39 7.93 -24.49 -29.40
N SER D 40 8.50 -24.39 -30.60
CA SER D 40 7.69 -24.21 -31.79
C SER D 40 6.86 -25.46 -32.05
N ASN D 41 5.93 -25.37 -33.00
CA ASN D 41 5.12 -26.52 -33.35
C ASN D 41 5.97 -27.67 -33.88
N GLU D 42 7.05 -27.34 -34.61
CA GLU D 42 7.93 -28.38 -35.13
C GLU D 42 8.73 -29.04 -34.01
N GLU D 43 9.29 -28.23 -33.10
CA GLU D 43 9.98 -28.80 -31.95
C GLU D 43 9.02 -29.56 -31.05
N ARG D 44 7.79 -29.05 -30.90
CA ARG D 44 6.76 -29.74 -30.14
C ARG D 44 6.50 -31.13 -30.72
N ASN D 45 6.30 -31.20 -32.03
CA ASN D 45 6.03 -32.48 -32.67
C ASN D 45 7.26 -33.39 -32.65
N LEU D 46 8.46 -32.82 -32.70
CA LEU D 46 9.67 -33.63 -32.56
C LEU D 46 9.71 -34.30 -31.19
N LEU D 47 9.48 -33.52 -30.14
CA LEU D 47 9.42 -34.08 -28.79
C LEU D 47 8.34 -35.16 -28.68
N SER D 48 7.16 -34.86 -29.22
CA SER D 48 6.04 -35.80 -29.13
C SER D 48 6.39 -37.11 -29.83
N VAL D 49 6.89 -37.03 -31.06
CA VAL D 49 7.23 -38.24 -31.83
C VAL D 49 8.33 -39.02 -31.11
N ALA D 50 9.36 -38.32 -30.62
CA ALA D 50 10.46 -38.98 -29.94
C ALA D 50 9.95 -39.79 -28.75
N TYR D 51 9.28 -39.13 -27.81
CA TYR D 51 8.86 -39.85 -26.61
C TYR D 51 7.74 -40.84 -26.91
N LYS D 52 6.96 -40.61 -27.96
CA LYS D 52 5.94 -41.58 -28.35
C LYS D 52 6.58 -42.87 -28.81
N ASN D 53 7.59 -42.78 -29.68
CA ASN D 53 8.30 -43.99 -30.11
C ASN D 53 9.01 -44.65 -28.94
N VAL D 54 9.63 -43.86 -28.06
CA VAL D 54 10.36 -44.43 -26.93
C VAL D 54 9.43 -45.21 -26.03
N VAL D 55 8.28 -44.63 -25.67
CA VAL D 55 7.36 -45.33 -24.79
C VAL D 55 6.63 -46.44 -25.54
N GLY D 56 6.50 -46.34 -26.86
CA GLY D 56 5.78 -47.34 -27.61
C GLY D 56 6.56 -48.62 -27.78
N ALA D 57 7.88 -48.50 -27.94
CA ALA D 57 8.72 -49.69 -27.94
C ALA D 57 8.54 -50.48 -26.65
N ARG D 58 8.60 -49.79 -25.51
CA ARG D 58 8.42 -50.45 -24.22
C ARG D 58 7.02 -51.01 -24.07
N ARG D 59 6.01 -50.30 -24.57
CA ARG D 59 4.64 -50.79 -24.49
C ARG D 59 4.47 -52.09 -25.28
N SER D 60 5.00 -52.13 -26.51
CA SER D 60 4.88 -53.34 -27.32
C SER D 60 5.65 -54.50 -26.68
N SER D 61 6.86 -54.23 -26.18
CA SER D 61 7.62 -55.28 -25.50
C SER D 61 6.85 -55.82 -24.30
N TRP D 62 6.29 -54.91 -23.49
CA TRP D 62 5.55 -55.33 -22.31
C TRP D 62 4.33 -56.16 -22.68
N ARG D 63 3.61 -55.75 -23.73
CA ARG D 63 2.43 -56.48 -24.14
C ARG D 63 2.79 -57.88 -24.63
N VAL D 64 3.82 -57.98 -25.48
CA VAL D 64 4.22 -59.29 -25.98
C VAL D 64 4.67 -60.20 -24.83
N ILE D 65 5.43 -59.63 -23.88
CA ILE D 65 5.97 -60.45 -22.80
C ILE D 65 4.87 -60.88 -21.85
N SER D 66 3.91 -60.01 -21.56
CA SER D 66 2.79 -60.41 -20.70
C SER D 66 1.91 -61.44 -21.39
N SER D 67 1.73 -61.31 -22.71
CA SER D 67 0.98 -62.32 -23.45
C SER D 67 1.69 -63.67 -23.40
N ILE D 68 3.01 -63.67 -23.48
CA ILE D 68 3.76 -64.92 -23.34
C ILE D 68 3.65 -65.46 -21.91
N GLU D 69 3.65 -64.55 -20.92
CA GLU D 69 3.56 -64.97 -19.52
C GLU D 69 2.21 -65.63 -19.22
N GLN D 70 1.14 -65.14 -19.85
CA GLN D 70 -0.18 -65.72 -19.60
C GLN D 70 -0.19 -67.21 -19.92
N LYS D 71 0.28 -67.58 -21.11
CA LYS D 71 0.28 -68.98 -21.51
C LYS D 71 1.47 -69.76 -20.97
N THR D 72 2.51 -69.09 -20.45
CA THR D 72 3.59 -69.82 -19.80
C THR D 72 3.21 -70.20 -18.37
N SER D 73 2.48 -69.34 -17.66
CA SER D 73 2.06 -69.65 -16.31
C SER D 73 1.07 -70.80 -16.26
N ALA D 74 0.42 -71.13 -17.38
CA ALA D 74 -0.48 -72.27 -17.42
C ALA D 74 0.27 -73.58 -17.61
N ASP D 75 1.43 -73.54 -18.27
CA ASP D 75 2.20 -74.76 -18.48
C ASP D 75 2.76 -75.30 -17.17
N GLY D 76 3.22 -74.41 -16.28
CA GLY D 76 3.59 -74.80 -14.93
C GLY D 76 5.07 -74.78 -14.61
N ASN D 77 5.94 -74.50 -15.58
CA ASN D 77 7.38 -74.45 -15.30
C ASN D 77 7.67 -73.21 -14.46
N GLU D 78 7.83 -73.41 -13.14
CA GLU D 78 7.89 -72.28 -12.23
C GLU D 78 9.13 -71.41 -12.46
N LYS D 79 10.24 -72.02 -12.86
CA LYS D 79 11.46 -71.25 -13.10
C LYS D 79 11.29 -70.32 -14.30
N LYS D 80 10.74 -70.83 -15.40
CA LYS D 80 10.48 -70.00 -16.56
C LYS D 80 9.43 -68.92 -16.24
N ILE D 81 8.42 -69.28 -15.44
CA ILE D 81 7.43 -68.30 -15.02
C ILE D 81 8.10 -67.15 -14.27
N GLU D 82 8.98 -67.47 -13.33
CA GLU D 82 9.66 -66.44 -12.57
C GLU D 82 10.55 -65.58 -13.48
N MET D 83 11.24 -66.22 -14.43
CA MET D 83 12.09 -65.46 -15.35
C MET D 83 11.27 -64.48 -16.17
N VAL D 84 10.15 -64.94 -16.74
CA VAL D 84 9.32 -64.07 -17.56
C VAL D 84 8.71 -62.95 -16.72
N ARG D 85 8.29 -63.27 -15.49
CA ARG D 85 7.72 -62.23 -14.63
C ARG D 85 8.75 -61.17 -14.28
N ALA D 86 9.99 -61.59 -13.98
CA ALA D 86 11.04 -60.63 -13.69
C ALA D 86 11.35 -59.75 -14.90
N TYR D 87 11.36 -60.35 -16.09
CA TYR D 87 11.64 -59.56 -17.29
C TYR D 87 10.52 -58.55 -17.55
N ARG D 88 9.26 -58.97 -17.37
CA ARG D 88 8.15 -58.02 -17.50
C ARG D 88 8.24 -56.90 -16.47
N GLU D 89 8.66 -57.24 -15.24
CA GLU D 89 8.89 -56.22 -14.22
C GLU D 89 9.90 -55.19 -14.70
N LYS D 90 11.05 -55.66 -15.17
CA LYS D 90 12.10 -54.77 -15.68
C LYS D 90 11.56 -53.86 -16.77
N ILE D 91 10.80 -54.43 -17.71
CA ILE D 91 10.34 -53.66 -18.86
C ILE D 91 9.30 -52.62 -18.44
N GLU D 92 8.36 -53.00 -17.59
CA GLU D 92 7.35 -52.03 -17.17
C GLU D 92 7.95 -50.97 -16.26
N LYS D 93 9.04 -51.29 -15.56
CA LYS D 93 9.75 -50.26 -14.81
C LYS D 93 10.43 -49.26 -15.75
N GLU D 94 11.03 -49.75 -16.83
CA GLU D 94 11.56 -48.83 -17.85
C GLU D 94 10.46 -47.94 -18.42
N LEU D 95 9.30 -48.54 -18.70
CA LEU D 95 8.17 -47.78 -19.24
C LEU D 95 7.73 -46.70 -18.27
N GLU D 96 7.59 -47.06 -16.99
CA GLU D 96 7.20 -46.07 -15.97
C GLU D 96 8.24 -44.97 -15.84
N ALA D 97 9.52 -45.32 -15.97
CA ALA D 97 10.56 -44.29 -15.92
C ALA D 97 10.41 -43.30 -17.06
N VAL D 98 10.21 -43.80 -18.27
CA VAL D 98 10.00 -42.93 -19.43
C VAL D 98 8.79 -42.01 -19.19
N CYS D 99 7.67 -42.61 -18.73
CA CYS D 99 6.45 -41.84 -18.52
C CYS D 99 6.66 -40.75 -17.47
N GLN D 100 7.32 -41.09 -16.36
CA GLN D 100 7.54 -40.10 -15.32
C GLN D 100 8.47 -38.99 -15.78
N ASP D 101 9.47 -39.33 -16.61
CA ASP D 101 10.35 -38.30 -17.16
C ASP D 101 9.57 -37.31 -18.02
N VAL D 102 8.73 -37.83 -18.92
CA VAL D 102 7.98 -36.91 -19.79
C VAL D 102 6.95 -36.12 -18.99
N LEU D 103 6.37 -36.72 -17.94
CA LEU D 103 5.39 -35.99 -17.13
C LEU D 103 6.07 -34.89 -16.33
N SER D 104 7.28 -35.14 -15.83
CA SER D 104 8.03 -34.10 -15.15
C SER D 104 8.39 -32.97 -16.10
N LEU D 105 8.77 -33.32 -17.34
CA LEU D 105 9.05 -32.28 -18.32
C LEU D 105 7.80 -31.46 -18.65
N LEU D 106 6.64 -32.12 -18.71
CA LEU D 106 5.40 -31.41 -18.98
C LEU D 106 5.07 -30.45 -17.84
N ASP D 107 5.14 -30.94 -16.60
CA ASP D 107 4.73 -30.13 -15.45
C ASP D 107 5.71 -28.99 -15.19
N ASN D 108 7.00 -29.25 -15.30
CA ASN D 108 8.00 -28.28 -14.88
C ASN D 108 8.33 -27.25 -15.95
N TYR D 109 8.21 -27.60 -17.23
CA TYR D 109 8.62 -26.69 -18.31
C TYR D 109 7.49 -26.36 -19.27
N LEU D 110 6.78 -27.37 -19.78
CA LEU D 110 5.92 -27.16 -20.93
C LEU D 110 4.57 -26.54 -20.54
N ILE D 111 3.81 -27.24 -19.69
CA ILE D 111 2.49 -26.73 -19.30
C ILE D 111 2.63 -25.44 -18.50
N LYS D 112 3.68 -25.35 -17.68
CA LYS D 112 3.84 -24.18 -16.80
C LYS D 112 4.07 -22.91 -17.60
N ASN D 113 4.93 -22.96 -18.62
CA ASN D 113 5.28 -21.77 -19.39
C ASN D 113 4.18 -21.32 -20.34
N CYS D 114 3.11 -22.09 -20.50
CA CYS D 114 2.05 -21.71 -21.40
C CYS D 114 1.21 -20.58 -20.80
N SER D 115 1.08 -19.49 -21.54
CA SER D 115 0.21 -18.40 -21.12
C SER D 115 -1.25 -18.79 -21.36
N GLU D 116 -2.16 -17.95 -20.82
CA GLU D 116 -3.58 -18.23 -20.94
C GLU D 116 -4.09 -18.09 -22.37
N THR D 117 -3.33 -17.41 -23.24
CA THR D 117 -3.75 -17.21 -24.62
C THR D 117 -3.26 -18.29 -25.57
N GLN D 118 -2.38 -19.18 -25.12
CA GLN D 118 -1.87 -20.26 -25.96
C GLN D 118 -2.68 -21.54 -25.70
N TYR D 119 -3.91 -21.52 -26.22
CA TYR D 119 -4.83 -22.62 -25.98
C TYR D 119 -4.39 -23.89 -26.70
N GLU D 120 -3.84 -23.75 -27.92
CA GLU D 120 -3.42 -24.92 -28.68
C GLU D 120 -2.28 -25.65 -27.98
N SER D 121 -1.29 -24.91 -27.52
CA SER D 121 -0.16 -25.54 -26.81
C SER D 121 -0.62 -26.18 -25.51
N LYS D 122 -1.53 -25.52 -24.78
CA LYS D 122 -2.03 -26.10 -23.55
C LYS D 122 -2.80 -27.39 -23.81
N VAL D 123 -3.63 -27.40 -24.86
CA VAL D 123 -4.35 -28.62 -25.22
C VAL D 123 -3.38 -29.73 -25.60
N PHE D 124 -2.34 -29.40 -26.37
CA PHE D 124 -1.36 -30.40 -26.77
C PHE D 124 -0.66 -31.00 -25.55
N TYR D 125 -0.20 -30.14 -24.64
CA TYR D 125 0.58 -30.61 -23.49
C TYR D 125 -0.30 -31.38 -22.51
N LEU D 126 -1.55 -30.94 -22.32
CA LEU D 126 -2.45 -31.67 -21.45
C LEU D 126 -2.84 -33.01 -22.06
N LYS D 127 -2.98 -33.07 -23.39
CA LYS D 127 -3.20 -34.35 -24.05
C LYS D 127 -2.02 -35.27 -23.85
N MET D 128 -0.80 -34.74 -23.92
CA MET D 128 0.38 -35.55 -23.64
C MET D 128 0.34 -36.09 -22.21
N LYS D 129 0.00 -35.23 -21.25
CA LYS D 129 -0.08 -35.68 -19.86
C LYS D 129 -1.11 -36.80 -19.72
N GLY D 130 -2.29 -36.63 -20.32
CA GLY D 130 -3.29 -37.68 -20.26
C GLY D 130 -2.83 -38.97 -20.91
N ASP D 131 -2.15 -38.85 -22.06
CA ASP D 131 -1.64 -40.03 -22.76
C ASP D 131 -0.67 -40.81 -21.88
N TYR D 132 0.28 -40.11 -21.26
CA TYR D 132 1.31 -40.84 -20.52
C TYR D 132 0.80 -41.33 -19.17
N TYR D 133 -0.15 -40.62 -18.54
CA TYR D 133 -0.79 -41.20 -17.37
C TYR D 133 -1.63 -42.42 -17.72
N ARG D 134 -2.24 -42.43 -18.92
CA ARG D 134 -2.95 -43.63 -19.36
C ARG D 134 -1.98 -44.77 -19.63
N TYR D 135 -0.81 -44.47 -20.19
CA TYR D 135 0.21 -45.49 -20.38
C TYR D 135 0.67 -46.06 -19.04
N LEU D 136 0.76 -45.21 -18.02
CA LEU D 136 1.06 -45.69 -16.67
C LEU D 136 -0.06 -46.58 -16.14
N ALA D 137 -1.32 -46.18 -16.38
CA ALA D 137 -2.45 -46.96 -15.91
C ALA D 137 -2.56 -48.30 -16.61
N GLU D 138 -2.02 -48.40 -17.83
CA GLU D 138 -2.06 -49.66 -18.57
C GLU D 138 -1.33 -50.78 -17.81
N VAL D 139 -0.24 -50.46 -17.13
CA VAL D 139 0.58 -51.45 -16.46
C VAL D 139 0.46 -51.41 -14.95
N ALA D 140 -0.19 -50.40 -14.39
CA ALA D 140 -0.32 -50.29 -12.95
C ALA D 140 -1.50 -51.14 -12.45
N THR D 141 -1.57 -51.30 -11.13
CA THR D 141 -2.66 -52.03 -10.51
C THR D 141 -2.88 -51.50 -9.10
N GLY D 142 -4.15 -51.50 -8.68
CA GLY D 142 -4.49 -51.09 -7.32
C GLY D 142 -4.59 -49.58 -7.12
N GLU D 143 -4.08 -49.12 -5.98
CA GLU D 143 -4.20 -47.70 -5.62
C GLU D 143 -3.39 -46.82 -6.57
N LYS D 144 -2.20 -47.28 -6.97
CA LYS D 144 -1.42 -46.53 -7.94
C LYS D 144 -2.17 -46.42 -9.27
N ARG D 145 -2.83 -47.50 -9.69
CA ARG D 145 -3.63 -47.45 -10.90
C ARG D 145 -4.77 -46.46 -10.75
N ALA D 146 -5.46 -46.46 -9.61
CA ALA D 146 -6.55 -45.52 -9.40
C ALA D 146 -6.06 -44.08 -9.47
N THR D 147 -4.91 -43.80 -8.85
CA THR D 147 -4.39 -42.43 -8.84
C THR D 147 -3.98 -41.98 -10.24
N VAL D 148 -3.29 -42.85 -10.99
CA VAL D 148 -2.88 -42.44 -12.33
C VAL D 148 -4.09 -42.32 -13.26
N VAL D 149 -5.14 -43.12 -13.03
CA VAL D 149 -6.36 -42.96 -13.80
C VAL D 149 -7.01 -41.62 -13.49
N GLU D 150 -7.04 -41.23 -12.22
CA GLU D 150 -7.56 -39.92 -11.85
C GLU D 150 -6.78 -38.81 -12.53
N SER D 151 -5.45 -38.90 -12.54
CA SER D 151 -4.64 -37.86 -13.16
C SER D 151 -4.89 -37.79 -14.67
N SER D 152 -4.95 -38.94 -15.34
CA SER D 152 -5.22 -38.95 -16.77
C SER D 152 -6.59 -38.37 -17.08
N GLU D 153 -7.59 -38.72 -16.26
CA GLU D 153 -8.94 -38.19 -16.48
C GLU D 153 -8.96 -36.68 -16.31
N LYS D 154 -8.27 -36.16 -15.29
CA LYS D 154 -8.22 -34.72 -15.07
C LYS D 154 -7.56 -34.01 -16.24
N ALA D 155 -6.43 -34.54 -16.70
CA ALA D 155 -5.73 -33.92 -17.83
C ALA D 155 -6.61 -33.93 -19.08
N TYR D 156 -7.22 -35.08 -19.38
CA TYR D 156 -8.08 -35.18 -20.56
C TYR D 156 -9.26 -34.23 -20.47
N SER D 157 -9.86 -34.11 -19.28
CA SER D 157 -11.03 -33.23 -19.12
C SER D 157 -10.65 -31.77 -19.35
N GLU D 158 -9.58 -31.31 -18.72
CA GLU D 158 -9.16 -29.92 -18.91
C GLU D 158 -8.81 -29.65 -20.38
N ALA D 159 -8.04 -30.56 -20.99
CA ALA D 159 -7.69 -30.38 -22.39
C ALA D 159 -8.92 -30.34 -23.27
N HIS D 160 -9.90 -31.20 -23.02
CA HIS D 160 -11.09 -31.24 -23.84
C HIS D 160 -11.91 -29.98 -23.70
N GLU D 161 -12.03 -29.45 -22.47
CA GLU D 161 -12.76 -28.20 -22.29
C GLU D 161 -12.09 -27.06 -23.04
N ILE D 162 -10.77 -26.92 -22.88
CA ILE D 162 -10.05 -25.83 -23.56
C ILE D 162 -10.18 -25.99 -25.08
N SER D 163 -10.08 -27.21 -25.58
CA SER D 163 -10.14 -27.45 -27.01
C SER D 163 -11.53 -27.16 -27.57
N LYS D 164 -12.58 -27.58 -26.86
CA LYS D 164 -13.93 -27.29 -27.31
C LYS D 164 -14.22 -25.80 -27.28
N GLU D 165 -13.62 -25.07 -26.34
CA GLU D 165 -13.91 -23.64 -26.27
C GLU D 165 -13.10 -22.83 -27.27
N HIS D 166 -11.88 -23.25 -27.62
CA HIS D 166 -11.00 -22.38 -28.38
C HIS D 166 -10.45 -22.99 -29.68
N MET D 167 -10.94 -24.17 -30.10
CA MET D 167 -10.38 -24.80 -31.29
C MET D 167 -11.49 -25.40 -32.14
N GLN D 168 -11.23 -25.47 -33.45
CA GLN D 168 -12.19 -25.99 -34.40
C GLN D 168 -12.28 -27.51 -34.31
N PRO D 169 -13.43 -28.09 -34.65
CA PRO D 169 -13.56 -29.55 -34.52
C PRO D 169 -12.67 -30.34 -35.47
N THR D 170 -12.28 -29.74 -36.60
CA THR D 170 -11.42 -30.42 -37.56
C THR D 170 -9.95 -30.22 -37.28
N HIS D 171 -9.59 -29.51 -36.23
CA HIS D 171 -8.19 -29.34 -35.88
C HIS D 171 -7.58 -30.69 -35.50
N PRO D 172 -6.39 -31.01 -36.00
CA PRO D 172 -5.81 -32.33 -35.69
C PRO D 172 -5.57 -32.56 -34.22
N ILE D 173 -5.17 -31.53 -33.48
CA ILE D 173 -4.93 -31.70 -32.04
C ILE D 173 -6.23 -32.01 -31.31
N ARG D 174 -7.31 -31.30 -31.65
CA ARG D 174 -8.61 -31.56 -31.02
C ARG D 174 -9.10 -32.97 -31.33
N LEU D 175 -8.99 -33.38 -32.60
CA LEU D 175 -9.44 -34.71 -33.00
C LEU D 175 -8.63 -35.80 -32.30
N GLY D 176 -7.32 -35.64 -32.26
CA GLY D 176 -6.49 -36.63 -31.57
C GLY D 176 -6.76 -36.67 -30.08
N LEU D 177 -7.00 -35.52 -29.48
CA LEU D 177 -7.33 -35.48 -28.05
C LEU D 177 -8.63 -36.22 -27.78
N ALA D 178 -9.65 -35.97 -28.60
CA ALA D 178 -10.93 -36.66 -28.43
C ALA D 178 -10.78 -38.16 -28.67
N LEU D 179 -9.93 -38.54 -29.63
CA LEU D 179 -9.70 -39.96 -29.91
C LEU D 179 -9.04 -40.65 -28.72
N ASN D 180 -7.97 -40.06 -28.19
CA ASN D 180 -7.29 -40.66 -27.04
C ASN D 180 -8.15 -40.60 -25.79
N TYR D 181 -9.04 -39.62 -25.68
CA TYR D 181 -9.93 -39.52 -24.53
C TYR D 181 -11.01 -40.60 -24.58
N SER D 182 -11.58 -40.84 -25.77
CA SER D 182 -12.59 -41.87 -25.89
C SER D 182 -12.01 -43.25 -25.61
N VAL D 183 -10.79 -43.51 -26.09
CA VAL D 183 -10.14 -44.77 -25.79
C VAL D 183 -9.86 -44.91 -24.30
N PHE D 184 -9.56 -43.79 -23.63
CA PHE D 184 -9.36 -43.83 -22.18
C PHE D 184 -10.62 -44.29 -21.46
N TYR D 185 -11.80 -43.93 -21.97
CA TYR D 185 -13.03 -44.37 -21.33
C TYR D 185 -13.28 -45.86 -21.53
N TYR D 186 -12.83 -46.42 -22.66
CA TYR D 186 -13.15 -47.80 -22.98
C TYR D 186 -12.20 -48.78 -22.29
N GLU D 187 -10.90 -48.60 -22.49
CA GLU D 187 -9.93 -49.59 -22.02
C GLU D 187 -9.41 -49.31 -20.62
N ILE D 188 -9.55 -48.09 -20.12
CA ILE D 188 -9.03 -47.76 -18.79
C ILE D 188 -10.16 -47.72 -17.78
N GLN D 189 -11.19 -46.91 -18.07
CA GLN D 189 -12.33 -46.78 -17.17
C GLN D 189 -13.38 -47.86 -17.39
N ASN D 190 -13.32 -48.58 -18.51
CA ASN D 190 -14.31 -49.61 -18.85
C ASN D 190 -15.72 -49.04 -18.83
N ALA D 191 -15.90 -47.94 -19.56
CA ALA D 191 -17.18 -47.23 -19.64
C ALA D 191 -17.46 -46.93 -21.10
N PRO D 192 -17.98 -47.90 -21.85
CA PRO D 192 -18.28 -47.65 -23.27
C PRO D 192 -19.39 -46.64 -23.48
N GLU D 193 -20.27 -46.45 -22.49
CA GLU D 193 -21.34 -45.46 -22.63
C GLU D 193 -20.77 -44.07 -22.87
N GLN D 194 -19.70 -43.71 -22.17
CA GLN D 194 -19.06 -42.42 -22.39
C GLN D 194 -18.08 -42.46 -23.55
N ALA D 195 -17.40 -43.60 -23.74
CA ALA D 195 -16.41 -43.70 -24.81
C ALA D 195 -17.06 -43.51 -26.18
N CYS D 196 -18.10 -44.30 -26.46
CA CYS D 196 -18.78 -44.20 -27.75
C CYS D 196 -19.43 -42.83 -27.91
N HIS D 197 -20.00 -42.28 -26.83
CA HIS D 197 -20.61 -40.96 -26.90
C HIS D 197 -19.58 -39.90 -27.31
N LEU D 198 -18.43 -39.88 -26.64
CA LEU D 198 -17.42 -38.88 -26.95
C LEU D 198 -16.86 -39.07 -28.36
N ALA D 199 -16.57 -40.32 -28.74
CA ALA D 199 -16.02 -40.58 -30.06
C ALA D 199 -17.00 -40.16 -31.15
N LYS D 200 -18.28 -40.53 -31.00
CA LYS D 200 -19.28 -40.17 -32.01
C LYS D 200 -19.50 -38.67 -32.06
N THR D 201 -19.51 -38.00 -30.90
CA THR D 201 -19.67 -36.55 -30.90
C THR D 201 -18.52 -35.87 -31.61
N ALA D 202 -17.29 -36.32 -31.35
CA ALA D 202 -16.12 -35.74 -32.01
C ALA D 202 -16.18 -35.98 -33.52
N PHE D 203 -16.52 -37.21 -33.92
CA PHE D 203 -16.58 -37.53 -35.34
C PHE D 203 -17.64 -36.71 -36.05
N ASP D 204 -18.80 -36.52 -35.41
CA ASP D 204 -19.88 -35.75 -36.04
C ASP D 204 -19.51 -34.27 -36.12
N ASP D 205 -18.94 -33.71 -35.04
CA ASP D 205 -18.53 -32.31 -35.08
C ASP D 205 -17.45 -32.08 -36.12
N ALA D 206 -16.57 -33.07 -36.33
CA ALA D 206 -15.54 -32.93 -37.36
C ALA D 206 -16.14 -33.01 -38.76
N ILE D 207 -17.00 -34.01 -38.99
CA ILE D 207 -17.60 -34.18 -40.31
C ILE D 207 -18.56 -33.03 -40.64
N ALA D 208 -19.03 -32.30 -39.63
CA ALA D 208 -19.91 -31.17 -39.90
C ALA D 208 -19.16 -30.01 -40.56
N GLU D 209 -17.88 -29.85 -40.26
CA GLU D 209 -17.06 -28.77 -40.81
C GLU D 209 -16.03 -29.29 -41.81
N LEU D 210 -16.43 -30.25 -42.65
CA LEU D 210 -15.49 -30.83 -43.61
C LEU D 210 -15.08 -29.84 -44.68
N ASP D 211 -15.94 -28.87 -45.01
CA ASP D 211 -15.58 -27.87 -46.01
C ASP D 211 -14.43 -26.99 -45.53
N THR D 212 -14.42 -26.64 -44.24
CA THR D 212 -13.33 -25.87 -43.65
C THR D 212 -12.31 -26.86 -43.10
N LEU D 213 -11.51 -27.41 -44.01
CA LEU D 213 -10.48 -28.39 -43.69
C LEU D 213 -9.15 -27.86 -44.21
N ASN D 214 -8.32 -27.35 -43.30
CA ASN D 214 -7.05 -26.75 -43.67
C ASN D 214 -6.14 -27.79 -44.32
N GLU D 215 -5.53 -27.42 -45.45
CA GLU D 215 -4.64 -28.33 -46.15
C GLU D 215 -3.43 -28.69 -45.30
N ASP D 216 -2.86 -27.70 -44.60
CA ASP D 216 -1.68 -27.94 -43.77
C ASP D 216 -1.91 -29.04 -42.74
N SER D 217 -3.17 -29.37 -42.44
CA SER D 217 -3.49 -30.47 -41.56
C SER D 217 -4.62 -31.33 -42.11
N TYR D 218 -4.77 -31.39 -43.44
CA TYR D 218 -5.86 -32.16 -44.02
C TYR D 218 -5.58 -33.66 -43.95
N LYS D 219 -4.32 -34.06 -44.14
CA LYS D 219 -4.00 -35.49 -44.12
C LYS D 219 -4.01 -36.05 -42.70
N ASP D 220 -3.75 -35.20 -41.70
CA ASP D 220 -3.78 -35.65 -40.32
C ASP D 220 -5.20 -35.88 -39.83
N SER D 221 -6.02 -34.82 -39.88
CA SER D 221 -7.39 -34.91 -39.38
C SER D 221 -8.16 -36.04 -40.04
N THR D 222 -8.10 -36.10 -41.39
CA THR D 222 -8.82 -37.14 -42.11
C THR D 222 -8.38 -38.54 -41.68
N LEU D 223 -7.14 -38.68 -41.20
CA LEU D 223 -6.71 -39.96 -40.66
C LEU D 223 -7.33 -40.19 -39.29
N ILE D 224 -7.27 -39.19 -38.41
CA ILE D 224 -7.75 -39.35 -37.04
C ILE D 224 -9.23 -39.74 -37.04
N MET D 225 -10.03 -39.05 -37.86
CA MET D 225 -11.44 -39.38 -37.97
C MET D 225 -11.63 -40.86 -38.33
N GLN D 226 -10.80 -41.37 -39.25
CA GLN D 226 -10.83 -42.80 -39.54
C GLN D 226 -10.62 -43.61 -38.27
N LEU D 227 -9.56 -43.31 -37.53
CA LEU D 227 -9.28 -44.00 -36.27
C LEU D 227 -10.46 -43.90 -35.31
N LEU D 228 -11.26 -42.83 -35.43
CA LEU D 228 -12.50 -42.75 -34.66
C LEU D 228 -13.48 -43.82 -35.12
N ARG D 229 -13.85 -43.79 -36.41
CA ARG D 229 -14.88 -44.71 -36.91
C ARG D 229 -14.52 -46.15 -36.62
N ASP D 230 -13.29 -46.55 -36.95
CA ASP D 230 -12.80 -47.88 -36.63
C ASP D 230 -13.09 -48.24 -35.18
N ASN D 231 -12.65 -47.38 -34.24
CA ASN D 231 -12.88 -47.66 -32.84
C ASN D 231 -14.36 -47.80 -32.54
N LEU D 232 -15.19 -46.94 -33.13
CA LEU D 232 -16.64 -47.08 -32.98
C LEU D 232 -17.09 -48.45 -33.47
N THR D 233 -16.62 -48.85 -34.66
CA THR D 233 -16.98 -50.16 -35.20
C THR D 233 -16.47 -51.27 -34.31
N LEU D 234 -15.42 -51.03 -33.52
CA LEU D 234 -14.94 -52.05 -32.59
C LEU D 234 -15.82 -52.13 -31.35
N TRP D 235 -16.45 -51.03 -30.97
CA TRP D 235 -17.23 -50.97 -29.74
C TRP D 235 -18.70 -51.28 -29.94
N THR D 236 -19.19 -51.27 -31.18
CA THR D 236 -20.58 -51.59 -31.47
C THR D 236 -20.79 -53.08 -31.64
N ARG E 2 -6.91 -0.63 16.91
CA ARG E 2 -5.57 -1.12 16.65
C ARG E 2 -5.63 -2.54 16.09
N ARG E 3 -5.34 -2.69 14.80
CA ARG E 3 -5.39 -3.98 14.13
C ARG E 3 -4.02 -4.65 14.16
N SER E 4 -3.99 -5.91 13.70
CA SER E 4 -2.76 -6.68 13.72
C SER E 4 -1.73 -6.11 12.75
N SER E 5 -0.46 -6.32 13.08
CA SER E 5 0.64 -5.83 12.26
C SER E 5 1.06 -6.84 11.21
N TPO E 6 1.23 -6.37 9.97
CA TPO E 6 1.69 -7.23 8.89
CB TPO E 6 0.63 -7.35 7.81
CG2 TPO E 6 -0.33 -8.48 8.21
OG1 TPO E 6 -0.10 -6.13 7.72
P TPO E 6 -0.69 -6.00 6.23
O1P TPO E 6 -0.11 -7.02 5.34
O2P TPO E 6 -0.37 -4.54 5.65
O3P TPO E 6 -2.29 -6.21 6.27
C TPO E 6 2.98 -6.68 8.30
O TPO E 6 3.46 -5.62 8.70
N SER E 7 3.55 -7.41 7.33
CA SER E 7 4.77 -6.97 6.67
C SER E 7 4.51 -6.71 5.19
N ARG F 1 10.73 5.00 15.19
CA ARG F 1 9.40 5.59 15.39
C ARG F 1 9.51 7.03 15.89
N ARG F 2 8.76 7.92 15.26
CA ARG F 2 8.74 9.33 15.65
C ARG F 2 8.01 9.50 16.98
N ARG F 3 8.10 10.71 17.53
CA ARG F 3 7.39 11.03 18.76
C ARG F 3 5.91 11.28 18.46
N SER F 4 5.06 10.86 19.39
CA SER F 4 3.63 11.10 19.25
C SER F 4 3.34 12.59 19.35
N SER F 5 2.32 13.02 18.61
CA SER F 5 1.95 14.43 18.57
C SER F 5 1.06 14.82 19.74
N TPO F 6 1.32 15.98 20.33
CA TPO F 6 0.53 16.51 21.43
CB TPO F 6 1.25 16.30 22.76
CG2 TPO F 6 1.00 14.88 23.26
OG1 TPO F 6 2.65 16.50 22.56
P TPO F 6 3.22 17.24 23.87
O1P TPO F 6 4.35 18.30 23.42
O2P TPO F 6 3.81 16.25 24.79
O3P TPO F 6 2.03 18.02 24.62
C TPO F 6 0.24 18.00 21.22
O TPO F 6 0.81 18.62 20.33
N SER F 7 -0.64 18.54 22.03
CA SER F 7 -1.01 19.95 21.93
C SER F 7 -1.64 20.45 23.23
N ARG G 2 17.36 27.36 2.25
CA ARG G 2 16.00 26.96 2.59
C ARG G 2 14.97 27.71 1.74
N ARG G 3 13.74 27.21 1.72
CA ARG G 3 12.66 27.82 0.97
C ARG G 3 11.81 28.71 1.88
N SER G 4 11.38 29.84 1.35
CA SER G 4 10.55 30.76 2.11
C SER G 4 9.21 30.13 2.45
N SER G 5 8.78 30.30 3.69
CA SER G 5 7.51 29.76 4.16
C SER G 5 6.34 30.55 3.59
N TPO G 6 5.36 29.83 3.05
CA TPO G 6 4.16 30.46 2.51
CB TPO G 6 3.99 30.12 1.03
CG2 TPO G 6 5.09 30.83 0.25
OG1 TPO G 6 4.11 28.71 0.83
P TPO G 6 3.31 28.34 -0.52
O1P TPO G 6 2.81 26.81 -0.43
O2P TPO G 6 4.21 28.49 -1.70
O3P TPO G 6 2.04 29.31 -0.69
C TPO G 6 2.93 30.04 3.30
O TPO G 6 3.04 29.53 4.42
N SER G 7 1.74 30.24 2.73
CA SER G 7 0.49 29.91 3.39
C SER G 7 0.26 28.41 3.47
N ARG H 3 -6.69 -54.15 -29.14
CA ARG H 3 -6.41 -52.80 -28.65
C ARG H 3 -6.92 -51.74 -29.62
N SER H 4 -7.62 -50.74 -29.09
CA SER H 4 -8.12 -49.66 -29.93
C SER H 4 -6.99 -48.72 -30.33
N SER H 5 -7.12 -48.13 -31.51
CA SER H 5 -6.08 -47.25 -32.04
C SER H 5 -6.11 -45.89 -31.35
N TPO H 6 -4.96 -45.22 -31.34
CA TPO H 6 -4.83 -43.91 -30.72
CB TPO H 6 -4.26 -44.03 -29.31
CG2 TPO H 6 -5.40 -44.24 -28.32
OG1 TPO H 6 -3.37 -45.15 -29.29
P TPO H 6 -2.08 -44.75 -28.41
O1P TPO H 6 -0.75 -45.31 -29.12
O2P TPO H 6 -2.21 -45.32 -27.06
O3P TPO H 6 -1.98 -43.14 -28.31
C TPO H 6 -3.94 -43.01 -31.58
O TPO H 6 -3.66 -43.33 -32.74
N SER H 7 -3.50 -41.90 -31.00
CA SER H 7 -2.57 -41.00 -31.68
C SER H 7 -1.83 -40.12 -30.68
#